data_5YFJ
#
_entry.id   5YFJ
#
_cell.length_a   98.630
_cell.length_b   98.630
_cell.length_c   257.061
_cell.angle_alpha   90.000
_cell.angle_beta   90.000
_cell.angle_gamma   120.000
#
_symmetry.space_group_name_H-M   'P 31 1 2'
#
loop_
_entity.id
_entity.type
_entity.pdbx_description
1 polymer 'Ribose 1,5-bisphosphate isomerase'
2 non-polymer RIBULOSE-1,5-DIPHOSPHATE
3 non-polymer 'POTASSIUM ION'
4 non-polymer 'CHLORIDE ION'
5 non-polymer DI(HYDROXYETHYL)ETHER
6 non-polymer (4S)-2-METHYL-2,4-PENTANEDIOL
7 water water
#
_entity_poly.entity_id   1
_entity_poly.type   'polypeptide(L)'
_entity_poly.pdbx_seq_one_letter_code
;MGAMIVKEVYETAEKIKSMEIRGAGRIARAAAQALMIQAEKSKAKEPEELWNELKVASKILYNTRPTAVSLPNALRYVMH
RVKAAYLGGADLETLRFTAINSAKEFIYNSEKAIERIGEIGAKRIEDGDIIMTHCHSKAAISVMKKAFEQGKNIKVIVTE
TRPKWQGKITAKELASYGIPVIYIVDSAARHYMKMTDKVVMGADSITANGAVINKIGTSLIALTAKEHRVWVMIAAETYK
FHPATMLGQLVEIEMRDPTEVIPEEELRTWPKNIEVWNPAFDVTPPEYIDVIITERGIIPPYAAIDILKEEFGWALKYKE
PWED
;
_entity_poly.pdbx_strand_id   A,B,C
#
# COMPACT_ATOMS: atom_id res chain seq x y z
N ALA A 3 36.13 -22.35 18.91
CA ALA A 3 35.08 -23.43 18.77
C ALA A 3 35.43 -24.52 17.75
N MET A 4 34.98 -25.75 17.97
CA MET A 4 35.28 -26.84 17.03
C MET A 4 34.28 -26.87 15.84
N ILE A 5 34.55 -26.06 14.82
CA ILE A 5 33.66 -25.93 13.67
C ILE A 5 33.92 -27.03 12.66
N VAL A 6 32.88 -27.77 12.28
CA VAL A 6 33.04 -28.87 11.35
C VAL A 6 33.33 -28.42 9.90
N LYS A 7 33.92 -29.35 9.16
CA LYS A 7 34.41 -29.11 7.84
C LYS A 7 33.28 -28.58 6.88
N GLU A 8 32.04 -29.05 7.05
CA GLU A 8 30.94 -28.74 6.12
C GLU A 8 30.52 -27.29 6.22
N VAL A 9 30.74 -26.68 7.38
CA VAL A 9 30.48 -25.27 7.57
C VAL A 9 31.47 -24.42 6.76
N TYR A 10 32.76 -24.76 6.87
CA TYR A 10 33.80 -24.01 6.16
C TYR A 10 33.58 -24.19 4.65
N GLU A 11 33.31 -25.40 4.20
CA GLU A 11 33.10 -25.70 2.78
C GLU A 11 31.88 -24.99 2.19
N THR A 12 30.78 -24.99 2.96
CA THR A 12 29.61 -24.31 2.55
C THR A 12 29.88 -22.84 2.45
N ALA A 13 30.56 -22.27 3.42
CA ALA A 13 30.87 -20.86 3.35
C ALA A 13 31.75 -20.50 2.10
N GLU A 14 32.76 -21.32 1.76
CA GLU A 14 33.61 -21.10 0.58
C GLU A 14 32.78 -21.21 -0.72
N LYS A 15 31.88 -22.18 -0.76
CA LYS A 15 31.06 -22.36 -1.91
C LYS A 15 30.00 -21.29 -2.13
N ILE A 16 29.54 -20.65 -1.07
CA ILE A 16 28.66 -19.48 -1.22
C ILE A 16 29.47 -18.30 -1.77
N LYS A 17 30.61 -18.05 -1.14
CA LYS A 17 31.59 -17.02 -1.57
C LYS A 17 31.99 -17.14 -3.03
N SER A 18 32.38 -18.32 -3.49
CA SER A 18 32.75 -18.54 -4.92
C SER A 18 31.56 -18.74 -5.88
N MET A 19 30.34 -18.81 -5.34
CA MET A 19 29.14 -18.94 -6.10
C MET A 19 29.01 -20.28 -6.74
N GLU A 20 29.72 -21.29 -6.25
CA GLU A 20 29.40 -22.68 -6.63
C GLU A 20 28.00 -23.07 -6.10
N ILE A 21 27.65 -22.50 -4.94
CA ILE A 21 26.28 -22.52 -4.44
C ILE A 21 25.78 -21.09 -4.60
N ARG A 22 24.74 -20.90 -5.41
CA ARG A 22 24.22 -19.54 -5.72
C ARG A 22 22.68 -19.59 -5.85
N GLY A 23 22.06 -18.41 -6.00
CA GLY A 23 20.60 -18.32 -6.00
C GLY A 23 20.21 -18.06 -4.55
N ALA A 24 19.38 -17.05 -4.31
CA ALA A 24 19.13 -16.64 -2.93
C ALA A 24 18.46 -17.73 -2.04
N GLY A 25 17.46 -18.43 -2.59
CA GLY A 25 16.81 -19.51 -1.88
C GLY A 25 17.78 -20.68 -1.57
N ARG A 26 18.57 -21.06 -2.56
CA ARG A 26 19.50 -22.14 -2.38
C ARG A 26 20.61 -21.83 -1.39
N ILE A 27 21.10 -20.61 -1.41
CA ILE A 27 22.04 -20.17 -0.44
C ILE A 27 21.47 -20.31 0.99
N ALA A 28 20.25 -19.88 1.17
CA ALA A 28 19.57 -19.96 2.48
C ALA A 28 19.40 -21.40 2.92
N ARG A 29 18.98 -22.27 2.03
CA ARG A 29 18.86 -23.66 2.40
C ARG A 29 20.22 -24.30 2.74
N ALA A 30 21.27 -23.95 1.98
CA ALA A 30 22.64 -24.44 2.27
C ALA A 30 23.14 -23.96 3.64
N ALA A 31 22.86 -22.71 3.99
CA ALA A 31 23.24 -22.16 5.26
C ALA A 31 22.53 -22.92 6.46
N ALA A 32 21.24 -23.19 6.30
CA ALA A 32 20.51 -23.95 7.29
C ALA A 32 21.03 -25.39 7.35
N GLN A 33 21.36 -25.96 6.21
CA GLN A 33 21.90 -27.29 6.17
C GLN A 33 23.26 -27.33 6.91
N ALA A 34 24.07 -26.30 6.76
CA ALA A 34 25.32 -26.28 7.47
C ALA A 34 25.19 -26.18 9.01
N LEU A 35 24.30 -25.34 9.53
CA LEU A 35 24.01 -25.33 10.96
C LEU A 35 23.51 -26.69 11.42
N MET A 36 22.72 -27.36 10.56
CA MET A 36 22.24 -28.65 10.82
C MET A 36 23.41 -29.65 11.04
N ILE A 37 24.29 -29.81 10.07
CA ILE A 37 25.44 -30.66 10.14
C ILE A 37 26.38 -30.34 11.31
N GLN A 38 26.61 -29.08 11.63
CA GLN A 38 27.33 -28.70 12.84
C GLN A 38 26.68 -29.27 14.17
N ALA A 39 25.36 -29.13 14.33
CA ALA A 39 24.60 -29.64 15.45
C ALA A 39 24.64 -31.16 15.45
N GLU A 40 24.48 -31.79 14.29
CA GLU A 40 24.58 -33.25 14.19
C GLU A 40 25.90 -33.80 14.72
N LYS A 41 27.03 -33.26 14.23
CA LYS A 41 28.40 -33.81 14.45
C LYS A 41 29.14 -33.20 15.60
N SER A 42 28.60 -32.15 16.18
CA SER A 42 29.29 -31.50 17.28
C SER A 42 29.63 -32.58 18.36
N LYS A 43 30.82 -32.50 18.92
CA LYS A 43 31.24 -33.35 20.02
C LYS A 43 31.14 -32.58 21.33
N ALA A 44 30.43 -31.46 21.32
CA ALA A 44 30.10 -30.75 22.55
C ALA A 44 29.51 -31.67 23.64
N LYS A 45 29.81 -31.29 24.89
CA LYS A 45 29.41 -32.02 26.10
C LYS A 45 28.38 -31.22 26.87
N GLU A 46 28.60 -29.91 26.97
CA GLU A 46 27.67 -28.95 27.54
C GLU A 46 26.78 -28.29 26.45
N PRO A 47 25.53 -27.93 26.82
CA PRO A 47 24.76 -26.93 26.06
C PRO A 47 25.51 -25.63 25.75
N GLU A 48 26.25 -25.07 26.69
CA GLU A 48 26.93 -23.79 26.47
C GLU A 48 27.99 -23.90 25.36
N GLU A 49 28.55 -25.09 25.19
CA GLU A 49 29.57 -25.35 24.22
C GLU A 49 28.92 -25.39 22.85
N LEU A 50 27.76 -26.07 22.70
CA LEU A 50 27.07 -26.23 21.38
C LEU A 50 26.50 -24.88 20.94
N TRP A 51 25.90 -24.17 21.88
CA TRP A 51 25.46 -22.82 21.67
C TRP A 51 26.55 -21.97 21.07
N ASN A 52 27.73 -22.09 21.63
CA ASN A 52 28.83 -21.26 21.21
C ASN A 52 29.37 -21.69 19.80
N GLU A 53 29.42 -22.99 19.51
CA GLU A 53 29.71 -23.50 18.19
C GLU A 53 28.68 -22.95 17.14
N LEU A 54 27.39 -23.00 17.45
CA LEU A 54 26.35 -22.59 16.51
C LEU A 54 26.40 -21.10 16.26
N LYS A 55 26.71 -20.32 17.31
CA LYS A 55 26.98 -18.93 17.15
C LYS A 55 28.12 -18.65 16.18
N VAL A 56 29.17 -19.47 16.19
CA VAL A 56 30.41 -19.11 15.50
C VAL A 56 30.18 -19.52 14.07
N ALA A 57 29.64 -20.71 13.87
CA ALA A 57 29.17 -21.19 12.57
C ALA A 57 28.23 -20.20 11.84
N SER A 58 27.31 -19.62 12.57
CA SER A 58 26.43 -18.62 12.06
C SER A 58 27.16 -17.38 11.56
N LYS A 59 28.12 -16.89 12.34
CA LYS A 59 28.92 -15.74 11.94
C LYS A 59 29.71 -16.05 10.67
N ILE A 60 30.27 -17.22 10.60
CA ILE A 60 31.02 -17.63 9.42
C ILE A 60 30.09 -17.58 8.20
N LEU A 61 28.91 -18.18 8.32
CA LEU A 61 27.96 -18.27 7.20
C LEU A 61 27.41 -16.91 6.80
N TYR A 62 27.19 -16.03 7.77
CA TYR A 62 26.67 -14.70 7.49
C TYR A 62 27.67 -13.74 6.81
N ASN A 63 28.97 -13.93 7.05
CA ASN A 63 30.00 -13.10 6.44
C ASN A 63 30.44 -13.55 5.03
N THR A 64 29.56 -14.20 4.27
CA THR A 64 29.85 -14.75 2.99
C THR A 64 29.45 -13.74 1.91
N ARG A 65 28.15 -13.59 1.65
CA ARG A 65 27.62 -12.65 0.64
C ARG A 65 26.57 -11.79 1.33
N PRO A 66 26.63 -10.46 1.14
CA PRO A 66 25.82 -9.60 1.99
C PRO A 66 24.40 -9.26 1.51
N THR A 67 24.14 -9.37 0.23
CA THR A 67 22.98 -8.71 -0.34
C THR A 67 21.66 -9.47 -0.22
N ALA A 68 21.68 -10.80 -0.44
CA ALA A 68 20.46 -11.60 -0.31
C ALA A 68 20.12 -11.85 1.19
N VAL A 69 19.06 -11.23 1.66
CA VAL A 69 18.66 -11.33 3.10
C VAL A 69 18.11 -12.75 3.40
N SER A 70 17.93 -13.59 2.38
CA SER A 70 17.51 -14.96 2.62
C SER A 70 18.47 -15.69 3.56
N LEU A 71 19.75 -15.38 3.42
CA LEU A 71 20.80 -16.03 4.18
C LEU A 71 20.63 -15.71 5.68
N PRO A 72 20.71 -14.45 6.10
CA PRO A 72 20.45 -14.18 7.50
C PRO A 72 19.07 -14.54 8.00
N ASN A 73 18.06 -14.54 7.12
CA ASN A 73 16.72 -14.89 7.58
C ASN A 73 16.70 -16.38 7.87
N ALA A 74 17.43 -17.17 7.10
CA ALA A 74 17.54 -18.61 7.42
C ALA A 74 18.29 -18.83 8.75
N LEU A 75 19.39 -18.13 8.91
CA LEU A 75 20.17 -18.23 10.10
C LEU A 75 19.34 -17.82 11.29
N ARG A 76 18.57 -16.74 11.19
CA ARG A 76 17.71 -16.31 12.26
C ARG A 76 16.62 -17.32 12.59
N TYR A 77 16.09 -17.97 11.56
CA TYR A 77 15.01 -18.89 11.74
C TYR A 77 15.49 -20.02 12.71
N VAL A 78 16.72 -20.49 12.48
CA VAL A 78 17.27 -21.60 13.24
C VAL A 78 17.72 -21.02 14.58
N MET A 79 18.46 -19.95 14.56
CA MET A 79 19.01 -19.43 15.79
C MET A 79 18.14 -18.70 16.80
N HIS A 80 17.06 -18.05 16.40
CA HIS A 80 16.02 -17.57 17.35
C HIS A 80 15.51 -18.72 18.23
N ARG A 81 15.32 -19.86 17.59
CA ARG A 81 14.79 -21.03 18.20
C ARG A 81 15.85 -21.71 19.08
N VAL A 82 17.09 -21.71 18.62
CA VAL A 82 18.12 -22.33 19.38
C VAL A 82 18.34 -21.44 20.57
N LYS A 83 18.36 -20.13 20.36
CA LYS A 83 18.61 -19.21 21.45
C LYS A 83 17.56 -19.31 22.55
N ALA A 84 16.27 -19.39 22.17
CA ALA A 84 15.22 -19.42 23.17
C ALA A 84 15.29 -20.74 23.98
N ALA A 85 15.48 -21.88 23.31
CA ALA A 85 15.79 -23.11 23.98
C ALA A 85 16.96 -22.95 25.01
N TYR A 86 18.09 -22.41 24.58
CA TYR A 86 19.27 -22.31 25.42
C TYR A 86 18.96 -21.53 26.68
N LEU A 87 18.46 -20.31 26.53
CA LEU A 87 18.05 -19.46 27.67
C LEU A 87 16.90 -20.02 28.53
N GLY A 88 16.17 -21.01 28.04
CA GLY A 88 15.17 -21.72 28.83
C GLY A 88 15.70 -23.04 29.33
N GLY A 89 17.02 -23.13 29.54
CA GLY A 89 17.64 -24.26 30.19
C GLY A 89 17.72 -25.57 29.47
N ALA A 90 17.35 -25.65 28.20
CA ALA A 90 17.52 -26.91 27.47
C ALA A 90 18.91 -27.53 27.68
N ASP A 91 18.89 -28.82 27.96
CA ASP A 91 20.09 -29.62 28.05
C ASP A 91 20.67 -29.82 26.65
N LEU A 92 21.84 -30.45 26.60
CA LEU A 92 22.50 -30.80 25.35
C LEU A 92 21.58 -31.37 24.29
N GLU A 93 20.92 -32.48 24.52
CA GLU A 93 20.21 -33.14 23.41
C GLU A 93 18.97 -32.38 22.94
N THR A 94 18.41 -31.59 23.82
CA THR A 94 17.25 -30.79 23.52
C THR A 94 17.72 -29.65 22.60
N LEU A 95 18.86 -29.04 22.91
CA LEU A 95 19.41 -27.93 22.13
C LEU A 95 19.81 -28.44 20.76
N ARG A 96 20.43 -29.59 20.73
CA ARG A 96 20.79 -30.19 19.48
C ARG A 96 19.63 -30.41 18.59
N PHE A 97 18.58 -31.00 19.13
CA PHE A 97 17.44 -31.36 18.31
C PHE A 97 16.74 -30.08 17.77
N THR A 98 16.66 -29.05 18.60
CA THR A 98 16.17 -27.76 18.28
C THR A 98 16.88 -27.12 17.12
N ALA A 99 18.21 -27.25 17.07
CA ALA A 99 18.99 -26.82 15.88
C ALA A 99 18.65 -27.66 14.66
N ILE A 100 18.68 -28.97 14.80
CA ILE A 100 18.50 -29.81 13.65
C ILE A 100 17.09 -29.69 13.07
N ASN A 101 16.10 -29.62 13.97
CA ASN A 101 14.70 -29.54 13.59
C ASN A 101 14.31 -28.19 12.99
N SER A 102 14.73 -27.09 13.60
CA SER A 102 14.52 -25.81 13.05
C SER A 102 15.16 -25.70 11.64
N ALA A 103 16.36 -26.20 11.44
CA ALA A 103 16.97 -26.14 10.11
C ALA A 103 16.18 -26.94 9.08
N LYS A 104 15.73 -28.14 9.46
CA LYS A 104 14.93 -28.99 8.56
C LYS A 104 13.57 -28.34 8.25
N GLU A 105 12.99 -27.67 9.21
CA GLU A 105 11.75 -26.91 9.08
C GLU A 105 11.94 -25.78 8.00
N PHE A 106 13.01 -24.99 8.13
CA PHE A 106 13.36 -23.95 7.18
C PHE A 106 13.48 -24.52 5.77
N ILE A 107 14.18 -25.62 5.61
CA ILE A 107 14.42 -26.24 4.30
C ILE A 107 13.14 -26.74 3.65
N TYR A 108 12.34 -27.46 4.44
CA TYR A 108 11.05 -27.98 3.98
C TYR A 108 10.08 -26.82 3.61
N ASN A 109 9.95 -25.79 4.44
CA ASN A 109 9.10 -24.64 4.16
C ASN A 109 9.56 -23.86 2.88
N SER A 110 10.89 -23.74 2.68
CA SER A 110 11.48 -23.12 1.50
C SER A 110 11.05 -23.86 0.27
N GLU A 111 11.24 -25.17 0.25
CA GLU A 111 10.77 -26.00 -0.88
C GLU A 111 9.27 -25.91 -1.19
N LYS A 112 8.44 -25.94 -0.17
CA LYS A 112 6.99 -25.85 -0.32
C LYS A 112 6.59 -24.44 -0.81
N ALA A 113 7.29 -23.43 -0.30
CA ALA A 113 7.01 -22.03 -0.68
C ALA A 113 7.21 -21.82 -2.20
N ILE A 114 8.27 -22.43 -2.73
CA ILE A 114 8.67 -22.31 -4.15
C ILE A 114 7.64 -23.03 -5.00
N GLU A 115 7.24 -24.22 -4.59
CA GLU A 115 6.17 -24.91 -5.30
C GLU A 115 4.83 -24.14 -5.34
N ARG A 116 4.48 -23.54 -4.23
CA ARG A 116 3.28 -22.77 -4.11
C ARG A 116 3.34 -21.40 -4.91
N ILE A 117 4.47 -20.73 -4.84
CA ILE A 117 4.74 -19.61 -5.71
C ILE A 117 4.52 -20.01 -7.16
N GLY A 118 4.93 -21.18 -7.54
CA GLY A 118 4.70 -21.62 -8.88
C GLY A 118 3.25 -21.76 -9.27
N GLU A 119 2.43 -22.36 -8.40
CA GLU A 119 0.97 -22.57 -8.61
C GLU A 119 0.22 -21.24 -8.68
N ILE A 120 0.56 -20.32 -7.81
CA ILE A 120 -0.07 -19.02 -7.78
C ILE A 120 0.28 -18.21 -9.05
N GLY A 121 1.58 -18.12 -9.36
CA GLY A 121 2.07 -17.37 -10.48
C GLY A 121 1.63 -17.88 -11.81
N ALA A 122 1.55 -19.18 -11.92
CA ALA A 122 1.12 -19.77 -13.18
C ALA A 122 -0.30 -19.38 -13.60
N LYS A 123 -1.16 -19.07 -12.62
CA LYS A 123 -2.50 -18.56 -12.92
C LYS A 123 -2.57 -17.24 -13.65
N ARG A 124 -1.53 -16.43 -13.52
CA ARG A 124 -1.36 -15.19 -14.24
C ARG A 124 -0.73 -15.37 -15.63
N ILE A 125 -0.27 -16.56 -15.95
CA ILE A 125 0.30 -16.81 -17.25
C ILE A 125 -0.82 -17.36 -18.15
N GLU A 126 -0.90 -16.89 -19.41
CA GLU A 126 -1.98 -17.27 -20.33
C GLU A 126 -1.39 -18.06 -21.47
N ASP A 127 -2.25 -18.82 -22.10
CA ASP A 127 -1.81 -19.63 -23.21
C ASP A 127 -1.24 -18.69 -24.30
N GLY A 128 -0.17 -19.09 -24.96
CA GLY A 128 0.43 -18.22 -26.02
C GLY A 128 1.40 -17.15 -25.47
N ASP A 129 1.56 -17.07 -24.14
CA ASP A 129 2.40 -15.99 -23.60
C ASP A 129 3.90 -16.11 -23.96
N ILE A 130 4.49 -14.96 -24.32
CA ILE A 130 5.94 -14.79 -24.31
C ILE A 130 6.37 -14.21 -23.04
N ILE A 131 7.23 -14.90 -22.31
CA ILE A 131 7.68 -14.44 -21.02
C ILE A 131 9.17 -14.11 -21.06
N MET A 132 9.56 -12.97 -20.55
CA MET A 132 10.97 -12.63 -20.45
C MET A 132 11.42 -12.79 -19.01
N THR A 133 12.59 -13.36 -18.81
CA THR A 133 13.15 -13.47 -17.48
C THR A 133 14.60 -12.98 -17.50
N HIS A 134 15.22 -12.99 -16.33
CA HIS A 134 16.58 -12.52 -16.14
C HIS A 134 17.23 -13.39 -15.03
N CYS A 135 18.54 -13.58 -15.12
CA CYS A 135 19.29 -14.42 -14.16
C CYS A 135 18.70 -15.81 -14.08
N HIS A 136 18.86 -16.46 -12.92
CA HIS A 136 18.35 -17.79 -12.73
C HIS A 136 17.72 -17.80 -11.34
N SER A 137 16.40 -17.88 -11.33
CA SER A 137 15.62 -17.77 -10.11
C SER A 137 14.73 -18.97 -10.10
N LYS A 138 14.92 -19.77 -9.09
CA LYS A 138 14.10 -20.97 -8.91
C LYS A 138 12.63 -20.62 -8.73
N ALA A 139 12.38 -19.52 -8.09
CA ALA A 139 10.99 -19.09 -7.86
C ALA A 139 10.38 -18.72 -9.19
N ALA A 140 11.10 -17.99 -10.04
CA ALA A 140 10.55 -17.61 -11.36
C ALA A 140 10.39 -18.80 -12.26
N ILE A 141 11.32 -19.74 -12.14
CA ILE A 141 11.25 -20.97 -12.94
C ILE A 141 10.10 -21.83 -12.54
N SER A 142 9.84 -21.90 -11.24
CA SER A 142 8.65 -22.60 -10.74
C SER A 142 7.33 -22.12 -11.41
N VAL A 143 7.18 -20.80 -11.58
CA VAL A 143 6.05 -20.21 -12.26
C VAL A 143 5.96 -20.67 -13.70
N MET A 144 7.07 -20.58 -14.41
CA MET A 144 7.09 -20.96 -15.82
C MET A 144 6.93 -22.42 -16.02
N LYS A 145 7.57 -23.22 -15.17
CA LYS A 145 7.42 -24.64 -15.29
C LYS A 145 5.96 -25.05 -15.00
N LYS A 146 5.33 -24.51 -13.93
CA LYS A 146 3.93 -24.89 -13.68
C LYS A 146 2.98 -24.49 -14.85
N ALA A 147 3.16 -23.28 -15.40
CA ALA A 147 2.34 -22.85 -16.54
C ALA A 147 2.45 -23.82 -17.71
N PHE A 148 3.68 -24.23 -18.02
CA PHE A 148 3.87 -25.16 -19.12
C PHE A 148 3.22 -26.51 -18.82
N GLU A 149 3.33 -27.06 -17.61
CA GLU A 149 2.63 -28.32 -17.25
C GLU A 149 1.11 -28.22 -17.31
N GLN A 150 0.53 -27.04 -17.17
CA GLN A 150 -0.90 -26.85 -17.37
C GLN A 150 -1.33 -26.86 -18.85
N GLY A 151 -0.37 -26.90 -19.76
CA GLY A 151 -0.64 -27.03 -21.21
C GLY A 151 -0.69 -25.67 -21.82
N LYS A 152 -0.21 -24.63 -21.12
CA LYS A 152 -0.11 -23.33 -21.77
C LYS A 152 1.13 -23.32 -22.65
N ASN A 153 0.95 -22.85 -23.88
CA ASN A 153 1.97 -22.89 -24.87
C ASN A 153 2.75 -21.62 -24.72
N ILE A 154 3.82 -21.67 -23.93
CA ILE A 154 4.60 -20.47 -23.66
C ILE A 154 5.95 -20.48 -24.37
N LYS A 155 6.58 -19.33 -24.52
CA LYS A 155 7.99 -19.25 -24.87
C LYS A 155 8.63 -18.32 -23.90
N VAL A 156 9.88 -18.60 -23.58
CA VAL A 156 10.58 -17.79 -22.60
C VAL A 156 11.80 -17.17 -23.25
N ILE A 157 11.88 -15.87 -23.13
CA ILE A 157 13.05 -15.13 -23.56
C ILE A 157 13.97 -15.04 -22.35
N VAL A 158 15.17 -15.58 -22.48
CA VAL A 158 16.15 -15.67 -21.39
C VAL A 158 17.30 -14.77 -21.73
N THR A 159 17.61 -13.86 -20.82
CA THR A 159 18.71 -12.96 -21.03
C THR A 159 19.96 -13.60 -20.40
N GLU A 160 21.10 -13.41 -21.06
CA GLU A 160 22.32 -14.12 -20.70
C GLU A 160 22.82 -13.87 -19.29
N THR A 161 22.57 -12.67 -18.80
CA THR A 161 22.92 -12.20 -17.49
C THR A 161 24.43 -12.22 -17.24
N ARG A 162 25.11 -11.29 -17.86
CA ARG A 162 26.47 -10.92 -17.52
C ARG A 162 26.61 -10.38 -16.12
N PRO A 163 27.78 -10.55 -15.49
CA PRO A 163 28.95 -11.19 -16.09
C PRO A 163 29.05 -12.68 -15.89
N LYS A 164 28.23 -13.27 -15.02
CA LYS A 164 28.44 -14.69 -14.65
C LYS A 164 27.63 -15.62 -15.45
N TRP A 165 26.82 -15.14 -16.42
CA TRP A 165 26.16 -16.05 -17.38
C TRP A 165 25.06 -16.94 -16.78
N GLN A 166 24.33 -16.44 -15.79
CA GLN A 166 23.32 -17.27 -15.10
C GLN A 166 22.25 -17.68 -16.05
N GLY A 167 22.06 -16.87 -17.10
CA GLY A 167 21.12 -17.17 -18.11
C GLY A 167 21.34 -18.43 -18.88
N LYS A 168 22.56 -18.85 -19.04
CA LYS A 168 22.85 -20.24 -19.60
C LYS A 168 22.22 -21.37 -18.77
N ILE A 169 22.24 -21.22 -17.46
CA ILE A 169 21.62 -22.18 -16.54
C ILE A 169 20.13 -22.19 -16.81
N THR A 170 19.56 -20.99 -16.92
CA THR A 170 18.13 -20.88 -17.11
C THR A 170 17.68 -21.45 -18.43
N ALA A 171 18.39 -21.10 -19.50
CA ALA A 171 18.02 -21.59 -20.81
C ALA A 171 18.04 -23.13 -20.89
N LYS A 172 19.05 -23.74 -20.31
CA LYS A 172 19.14 -25.23 -20.39
C LYS A 172 18.14 -25.87 -19.45
N GLU A 173 17.98 -25.33 -18.25
CA GLU A 173 16.89 -25.83 -17.38
C GLU A 173 15.54 -25.77 -18.04
N LEU A 174 15.13 -24.62 -18.59
CA LEU A 174 13.76 -24.52 -19.19
C LEU A 174 13.60 -25.42 -20.38
N ALA A 175 14.60 -25.44 -21.25
CA ALA A 175 14.55 -26.29 -22.41
C ALA A 175 14.50 -27.79 -22.06
N SER A 176 15.17 -28.21 -20.97
CA SER A 176 15.10 -29.60 -20.57
C SER A 176 13.69 -29.96 -20.05
N TYR A 177 12.86 -29.01 -19.55
CA TYR A 177 11.44 -29.32 -19.27
C TYR A 177 10.55 -29.34 -20.51
N GLY A 178 11.09 -29.03 -21.69
CA GLY A 178 10.32 -28.96 -22.95
C GLY A 178 9.84 -27.56 -23.32
N ILE A 179 10.31 -26.53 -22.63
CA ILE A 179 9.83 -25.16 -22.87
C ILE A 179 10.66 -24.56 -23.98
N PRO A 180 10.03 -23.97 -25.01
CA PRO A 180 10.83 -23.27 -26.01
C PRO A 180 11.53 -22.02 -25.42
N VAL A 181 12.78 -21.82 -25.82
CA VAL A 181 13.60 -20.73 -25.31
C VAL A 181 14.20 -19.88 -26.41
N ILE A 182 14.08 -18.56 -26.25
CA ILE A 182 14.82 -17.59 -27.04
C ILE A 182 15.87 -16.97 -26.14
N TYR A 183 17.15 -17.06 -26.53
CA TYR A 183 18.25 -16.57 -25.74
C TYR A 183 18.81 -15.33 -26.36
N ILE A 184 18.93 -14.29 -25.55
CA ILE A 184 19.44 -13.02 -26.01
C ILE A 184 20.41 -12.40 -25.05
N VAL A 185 21.14 -11.41 -25.59
CA VAL A 185 21.96 -10.57 -24.72
C VAL A 185 21.10 -9.55 -23.94
N ASP A 186 21.56 -9.15 -22.75
CA ASP A 186 20.83 -8.27 -21.81
C ASP A 186 20.42 -6.99 -22.53
N SER A 187 21.35 -6.49 -23.32
CA SER A 187 21.16 -5.27 -24.16
C SER A 187 19.98 -5.30 -25.11
N ALA A 188 19.56 -6.48 -25.50
CA ALA A 188 18.49 -6.62 -26.41
C ALA A 188 17.12 -6.64 -25.72
N ALA A 189 17.03 -6.36 -24.40
CA ALA A 189 15.73 -6.48 -23.68
C ALA A 189 14.71 -5.46 -24.17
N ARG A 190 15.12 -4.21 -24.41
CA ARG A 190 14.14 -3.26 -24.96
C ARG A 190 13.62 -3.62 -26.36
N HIS A 191 14.52 -4.05 -27.23
CA HIS A 191 14.20 -4.41 -28.60
C HIS A 191 13.17 -5.53 -28.64
N TYR A 192 13.23 -6.50 -27.74
CA TYR A 192 12.25 -7.59 -27.72
C TYR A 192 11.09 -7.40 -26.68
N MET A 193 10.97 -6.23 -26.06
CA MET A 193 9.91 -5.97 -25.10
C MET A 193 8.57 -5.79 -25.77
N LYS A 194 8.56 -5.37 -27.03
CA LYS A 194 7.36 -5.26 -27.86
C LYS A 194 6.70 -6.63 -27.99
N MET A 195 7.47 -7.68 -28.26
CA MET A 195 6.82 -8.99 -28.38
C MET A 195 6.54 -9.68 -27.03
N THR A 196 7.08 -9.22 -25.91
CA THR A 196 6.91 -9.93 -24.62
C THR A 196 5.53 -9.67 -24.03
N ASP A 197 4.87 -10.66 -23.45
CA ASP A 197 3.59 -10.36 -22.74
C ASP A 197 3.80 -10.13 -21.26
N LYS A 198 4.79 -10.80 -20.66
CA LYS A 198 5.02 -10.74 -19.20
C LYS A 198 6.48 -10.87 -18.91
N VAL A 199 6.93 -10.22 -17.83
CA VAL A 199 8.23 -10.40 -17.27
C VAL A 199 8.12 -11.08 -15.89
N VAL A 200 8.91 -12.14 -15.65
CA VAL A 200 8.92 -12.88 -14.41
C VAL A 200 10.37 -13.06 -13.93
N MET A 201 10.68 -12.46 -12.82
CA MET A 201 12.00 -12.45 -12.24
C MET A 201 11.90 -12.77 -10.76
N GLY A 202 13.05 -13.09 -10.15
CA GLY A 202 13.13 -13.38 -8.71
C GLY A 202 13.54 -12.16 -7.93
N ALA A 203 13.95 -12.38 -6.67
CA ALA A 203 14.46 -11.41 -5.76
C ALA A 203 15.49 -11.99 -4.76
N ASP A 204 16.36 -11.12 -4.31
CA ASP A 204 17.34 -11.41 -3.31
C ASP A 204 16.96 -10.79 -2.03
N SER A 205 16.51 -9.52 -2.10
CA SER A 205 16.01 -8.77 -0.97
C SER A 205 14.84 -7.88 -1.44
N ILE A 206 13.78 -7.79 -0.65
CA ILE A 206 12.69 -6.84 -0.84
C ILE A 206 12.56 -5.97 0.38
N THR A 207 12.51 -4.66 0.19
CA THR A 207 12.62 -3.71 1.23
C THR A 207 11.23 -3.25 1.68
N ALA A 208 11.23 -2.54 2.80
CA ALA A 208 10.01 -2.07 3.45
C ALA A 208 9.19 -1.17 2.55
N ASN A 209 9.88 -0.36 1.74
CA ASN A 209 9.19 0.53 0.82
C ASN A 209 8.73 -0.08 -0.49
N GLY A 210 8.91 -1.40 -0.63
CA GLY A 210 8.52 -2.12 -1.82
C GLY A 210 9.54 -2.32 -2.98
N ALA A 211 10.76 -1.84 -2.78
CA ALA A 211 11.89 -2.01 -3.72
C ALA A 211 12.45 -3.41 -3.73
N VAL A 212 12.80 -3.88 -4.91
CA VAL A 212 13.30 -5.24 -5.12
C VAL A 212 14.74 -5.14 -5.51
N ILE A 213 15.59 -5.85 -4.75
CA ILE A 213 17.02 -5.94 -5.04
C ILE A 213 17.21 -7.27 -5.65
N ASN A 214 17.71 -7.28 -6.88
CA ASN A 214 17.88 -8.52 -7.66
C ASN A 214 19.10 -8.33 -8.57
N LYS A 215 19.44 -9.33 -9.38
CA LYS A 215 20.63 -9.37 -10.21
C LYS A 215 20.74 -8.14 -11.09
N ILE A 216 21.94 -7.57 -11.10
CA ILE A 216 22.26 -6.42 -11.98
C ILE A 216 21.59 -6.57 -13.33
N GLY A 217 20.91 -5.52 -13.74
CA GLY A 217 20.10 -5.51 -14.98
C GLY A 217 18.60 -5.60 -14.77
N THR A 218 18.18 -6.16 -13.65
CA THR A 218 16.76 -6.34 -13.35
C THR A 218 15.99 -5.00 -13.51
N SER A 219 16.51 -3.92 -12.90
CA SER A 219 15.87 -2.63 -12.89
C SER A 219 15.70 -2.01 -14.29
N LEU A 220 16.60 -2.39 -15.20
CA LEU A 220 16.55 -1.91 -16.56
C LEU A 220 15.45 -2.63 -17.26
N ILE A 221 15.42 -3.94 -17.10
CA ILE A 221 14.33 -4.71 -17.69
C ILE A 221 12.95 -4.23 -17.16
N ALA A 222 12.85 -3.99 -15.86
CA ALA A 222 11.61 -3.47 -15.28
C ALA A 222 11.25 -2.08 -15.85
N LEU A 223 12.23 -1.24 -16.04
CA LEU A 223 11.98 0.08 -16.53
C LEU A 223 11.34 0.01 -17.92
N THR A 224 11.87 -0.82 -18.80
CA THR A 224 11.40 -0.88 -20.15
C THR A 224 10.13 -1.72 -20.24
N ALA A 225 9.96 -2.71 -19.37
CA ALA A 225 8.64 -3.35 -19.25
C ALA A 225 7.57 -2.33 -18.93
N LYS A 226 7.85 -1.45 -17.99
CA LYS A 226 6.89 -0.46 -17.61
C LYS A 226 6.57 0.53 -18.76
N GLU A 227 7.61 0.99 -19.46
CA GLU A 227 7.49 1.81 -20.63
C GLU A 227 6.52 1.15 -21.63
N HIS A 228 6.58 -0.19 -21.79
CA HIS A 228 5.81 -0.91 -22.77
C HIS A 228 4.47 -1.53 -22.25
N ARG A 229 4.11 -1.19 -21.03
CA ARG A 229 2.98 -1.78 -20.29
C ARG A 229 3.01 -3.29 -20.21
N VAL A 230 4.18 -3.85 -20.01
CA VAL A 230 4.32 -5.28 -19.88
C VAL A 230 4.38 -5.54 -18.37
N TRP A 231 3.54 -6.42 -17.88
CA TRP A 231 3.47 -6.77 -16.45
C TRP A 231 4.80 -7.28 -15.94
N VAL A 232 5.27 -6.70 -14.83
CA VAL A 232 6.44 -7.17 -14.15
C VAL A 232 6.03 -7.91 -12.86
N MET A 233 6.31 -9.20 -12.82
CA MET A 233 6.01 -10.07 -11.67
C MET A 233 7.29 -10.61 -11.06
N ILE A 234 7.44 -10.42 -9.76
CA ILE A 234 8.60 -10.83 -8.98
C ILE A 234 8.09 -12.00 -8.14
N ALA A 235 8.65 -13.18 -8.38
CA ALA A 235 8.35 -14.39 -7.64
C ALA A 235 9.35 -14.47 -6.47
N ALA A 236 8.84 -14.38 -5.24
CA ALA A 236 9.67 -14.32 -4.05
C ALA A 236 9.02 -14.82 -2.74
N GLU A 237 9.79 -15.62 -2.05
CA GLU A 237 9.42 -16.19 -0.76
C GLU A 237 9.46 -15.13 0.25
N THR A 238 8.66 -15.31 1.30
CA THR A 238 8.62 -14.32 2.37
C THR A 238 9.97 -14.13 3.07
N TYR A 239 10.81 -15.15 3.04
CA TYR A 239 12.14 -14.97 3.60
C TYR A 239 13.09 -14.13 2.67
N LYS A 240 12.60 -13.64 1.52
CA LYS A 240 13.33 -12.62 0.74
C LYS A 240 13.09 -11.22 1.23
N PHE A 241 12.14 -11.05 2.16
CA PHE A 241 11.80 -9.73 2.67
C PHE A 241 12.78 -9.32 3.79
N HIS A 242 13.17 -8.04 3.83
CA HIS A 242 14.33 -7.61 4.55
C HIS A 242 13.94 -6.82 5.80
N PRO A 243 14.01 -7.45 6.99
CA PRO A 243 13.51 -6.79 8.19
C PRO A 243 14.20 -5.48 8.54
N ALA A 244 15.52 -5.39 8.40
CA ALA A 244 16.18 -4.17 8.92
C ALA A 244 15.84 -2.88 8.17
N THR A 245 15.28 -3.02 6.96
CA THR A 245 14.89 -1.86 6.17
C THR A 245 13.71 -1.19 6.83
N MET A 246 12.93 -1.93 7.67
CA MET A 246 11.86 -1.30 8.43
C MET A 246 12.38 -0.15 9.29
N LEU A 247 13.59 -0.27 9.82
CA LEU A 247 14.14 0.77 10.70
C LEU A 247 15.23 1.57 10.03
N GLY A 248 15.27 1.56 8.69
CA GLY A 248 16.02 2.56 7.95
C GLY A 248 17.27 2.03 7.30
N GLN A 249 17.60 0.77 7.48
CA GLN A 249 18.92 0.33 7.01
C GLN A 249 18.89 0.24 5.48
N LEU A 250 19.99 0.64 4.85
CA LEU A 250 20.19 0.45 3.40
C LEU A 250 20.70 -0.95 3.09
N VAL A 251 20.31 -1.53 1.99
CA VAL A 251 20.79 -2.86 1.61
C VAL A 251 22.15 -2.67 0.97
N GLU A 252 23.14 -3.38 1.46
CA GLU A 252 24.46 -3.32 0.89
C GLU A 252 24.42 -4.00 -0.49
N ILE A 253 24.91 -3.31 -1.47
CA ILE A 253 25.09 -3.93 -2.81
C ILE A 253 26.43 -4.57 -2.98
N GLU A 254 26.45 -5.89 -3.17
CA GLU A 254 27.72 -6.62 -3.30
C GLU A 254 28.55 -6.23 -4.58
N MET A 255 29.83 -5.87 -4.40
CA MET A 255 30.80 -5.57 -5.49
C MET A 255 31.72 -6.78 -5.60
N ARG A 256 31.61 -7.57 -6.67
CA ARG A 256 32.38 -8.76 -6.82
C ARG A 256 33.63 -8.46 -7.70
N ASP A 257 34.46 -9.46 -7.84
CA ASP A 257 35.79 -9.26 -8.32
C ASP A 257 35.78 -8.79 -9.78
N PRO A 258 36.61 -7.82 -10.12
CA PRO A 258 36.74 -7.42 -11.55
C PRO A 258 37.02 -8.51 -12.55
N THR A 259 37.65 -9.61 -12.15
CA THR A 259 38.03 -10.62 -13.08
C THR A 259 36.86 -11.51 -13.49
N GLU A 260 35.71 -11.37 -12.84
CA GLU A 260 34.47 -11.95 -13.39
C GLU A 260 34.04 -11.32 -14.68
N VAL A 261 34.33 -10.03 -14.81
CA VAL A 261 33.96 -9.26 -16.02
C VAL A 261 35.03 -9.45 -17.14
N ILE A 262 36.29 -9.17 -16.78
CA ILE A 262 37.44 -9.31 -17.68
C ILE A 262 38.35 -10.36 -17.06
N PRO A 263 38.53 -11.52 -17.73
CA PRO A 263 39.43 -12.54 -17.17
C PRO A 263 40.85 -11.98 -16.86
N GLU A 264 41.40 -12.50 -15.77
CA GLU A 264 42.68 -12.08 -15.20
C GLU A 264 43.81 -11.96 -16.25
N GLU A 265 43.88 -12.91 -17.17
CA GLU A 265 44.92 -13.00 -18.22
C GLU A 265 44.78 -11.82 -19.15
N GLU A 266 43.57 -11.35 -19.39
CA GLU A 266 43.42 -10.15 -20.18
C GLU A 266 43.58 -8.84 -19.32
N LEU A 267 42.99 -8.85 -18.14
CA LEU A 267 42.93 -7.65 -17.34
C LEU A 267 44.29 -7.16 -16.89
N ARG A 268 45.21 -8.06 -16.60
CA ARG A 268 46.56 -7.65 -16.18
C ARG A 268 47.31 -6.83 -17.27
N THR A 269 46.92 -6.97 -18.53
CA THR A 269 47.50 -6.20 -19.65
C THR A 269 46.86 -4.86 -19.96
N TRP A 270 45.81 -4.51 -19.27
CA TRP A 270 45.08 -3.27 -19.52
C TRP A 270 45.69 -2.14 -18.74
N PRO A 271 45.53 -0.90 -19.20
CA PRO A 271 46.11 0.21 -18.51
C PRO A 271 45.53 0.40 -17.14
N LYS A 272 46.35 1.02 -16.31
CA LYS A 272 46.07 1.29 -14.95
C LYS A 272 44.87 2.26 -14.78
N ASN A 273 44.62 3.18 -15.70
CA ASN A 273 43.54 4.19 -15.52
CA ASN A 273 43.56 4.22 -15.59
C ASN A 273 42.16 3.63 -15.95
N ILE A 274 42.06 2.33 -16.26
CA ILE A 274 40.77 1.62 -16.37
C ILE A 274 40.42 0.91 -15.06
N GLU A 275 39.25 1.19 -14.48
CA GLU A 275 38.76 0.45 -13.29
C GLU A 275 37.55 -0.34 -13.78
N VAL A 276 37.51 -1.64 -13.50
CA VAL A 276 36.41 -2.48 -13.76
C VAL A 276 35.50 -2.47 -12.51
N TRP A 277 34.24 -2.10 -12.66
CA TRP A 277 33.24 -2.12 -11.53
C TRP A 277 32.23 -3.24 -11.77
N ASN A 278 32.01 -4.07 -10.73
CA ASN A 278 31.20 -5.28 -10.89
C ASN A 278 30.13 -5.42 -9.75
N PRO A 279 29.10 -4.57 -9.76
CA PRO A 279 27.98 -4.70 -8.84
C PRO A 279 27.18 -5.90 -9.25
N ALA A 280 26.84 -6.75 -8.28
CA ALA A 280 26.19 -7.98 -8.57
C ALA A 280 24.67 -7.80 -8.55
N PHE A 281 24.18 -6.69 -8.01
CA PHE A 281 22.76 -6.44 -7.85
C PHE A 281 22.42 -4.99 -8.21
N ASP A 282 21.17 -4.74 -8.59
CA ASP A 282 20.62 -3.38 -8.57
C ASP A 282 19.23 -3.31 -7.84
N VAL A 283 18.71 -2.12 -7.71
CA VAL A 283 17.48 -1.77 -7.01
C VAL A 283 16.42 -1.29 -8.01
N THR A 284 15.31 -2.00 -8.05
CA THR A 284 14.19 -1.71 -8.89
C THR A 284 13.16 -1.03 -7.98
N PRO A 285 12.78 0.21 -8.26
CA PRO A 285 11.75 0.82 -7.45
C PRO A 285 10.32 0.22 -7.63
N PRO A 286 9.49 0.30 -6.55
CA PRO A 286 8.18 -0.34 -6.52
C PRO A 286 7.27 0.12 -7.70
N GLU A 287 7.45 1.34 -8.24
CA GLU A 287 6.62 1.80 -9.34
C GLU A 287 6.79 1.00 -10.64
N TYR A 288 7.86 0.21 -10.79
CA TYR A 288 8.08 -0.60 -11.96
C TYR A 288 7.74 -2.07 -11.72
N ILE A 289 7.11 -2.36 -10.59
CA ILE A 289 6.71 -3.76 -10.28
C ILE A 289 5.20 -3.83 -10.18
N ASP A 290 4.60 -4.79 -10.86
CA ASP A 290 3.12 -4.91 -10.74
C ASP A 290 2.70 -5.72 -9.51
N VAL A 291 3.29 -6.89 -9.35
CA VAL A 291 3.02 -7.73 -8.20
C VAL A 291 4.26 -8.49 -7.78
N ILE A 292 4.25 -8.79 -6.49
CA ILE A 292 5.08 -9.82 -5.86
C ILE A 292 4.24 -11.05 -5.56
N ILE A 293 4.70 -12.17 -6.10
CA ILE A 293 4.09 -13.48 -5.86
C ILE A 293 4.84 -14.15 -4.71
N THR A 294 4.23 -14.14 -3.49
CA THR A 294 4.73 -14.87 -2.34
C THR A 294 3.92 -16.17 -2.18
N GLU A 295 4.39 -17.07 -1.30
CA GLU A 295 3.76 -18.34 -1.07
C GLU A 295 2.44 -18.09 -0.32
N ARG A 296 2.25 -16.91 0.22
CA ARG A 296 0.98 -16.53 0.81
C ARG A 296 0.00 -15.75 -0.12
N GLY A 297 0.42 -15.43 -1.34
CA GLY A 297 -0.41 -14.76 -2.34
C GLY A 297 0.25 -13.59 -3.04
N ILE A 298 -0.51 -13.01 -3.95
CA ILE A 298 -0.20 -11.89 -4.79
C ILE A 298 -0.35 -10.68 -3.91
N ILE A 299 0.66 -9.82 -3.90
CA ILE A 299 0.57 -8.57 -3.22
C ILE A 299 1.08 -7.43 -4.14
N PRO A 300 0.55 -6.23 -4.00
CA PRO A 300 1.31 -5.14 -4.59
C PRO A 300 2.64 -4.90 -3.83
N PRO A 301 3.62 -4.31 -4.51
CA PRO A 301 4.91 -4.14 -3.88
C PRO A 301 4.86 -3.27 -2.63
N TYR A 302 3.91 -2.37 -2.57
CA TYR A 302 3.79 -1.49 -1.40
C TYR A 302 3.26 -2.20 -0.14
N ALA A 303 2.83 -3.45 -0.26
CA ALA A 303 2.43 -4.31 0.85
C ALA A 303 3.58 -5.12 1.44
N ALA A 304 4.79 -4.93 0.91
CA ALA A 304 5.97 -5.53 1.48
C ALA A 304 6.07 -5.20 2.99
N ILE A 305 5.68 -3.99 3.36
CA ILE A 305 5.80 -3.56 4.73
C ILE A 305 4.87 -4.42 5.63
N ASP A 306 3.74 -4.90 5.11
CA ASP A 306 2.81 -5.79 5.84
C ASP A 306 3.37 -7.19 6.06
N ILE A 307 4.02 -7.73 5.04
CA ILE A 307 4.67 -9.01 5.21
C ILE A 307 5.73 -8.88 6.31
N LEU A 308 6.46 -7.75 6.33
CA LEU A 308 7.54 -7.55 7.28
C LEU A 308 7.01 -7.37 8.70
N LYS A 309 6.06 -6.44 8.86
CA LYS A 309 5.38 -6.21 10.15
C LYS A 309 4.89 -7.51 10.77
N GLU A 310 4.19 -8.34 10.01
CA GLU A 310 3.62 -9.57 10.54
C GLU A 310 4.63 -10.73 10.74
N GLU A 311 5.67 -10.86 9.90
CA GLU A 311 6.63 -11.97 10.03
C GLU A 311 7.89 -11.69 10.85
N PHE A 312 8.39 -10.46 10.84
CA PHE A 312 9.75 -10.13 11.29
C PHE A 312 9.89 -8.98 12.31
N GLY A 313 8.88 -8.13 12.43
CA GLY A 313 8.98 -6.88 13.19
C GLY A 313 9.35 -7.10 14.65
N TRP A 314 8.76 -8.16 15.24
CA TRP A 314 8.99 -8.55 16.67
C TRP A 314 10.49 -8.72 17.02
N ALA A 315 11.30 -9.21 16.09
CA ALA A 315 12.73 -9.47 16.36
C ALA A 315 13.61 -8.21 16.36
N LEU A 316 13.13 -7.11 15.78
CA LEU A 316 13.95 -5.85 15.63
C LEU A 316 14.39 -5.08 16.91
N LYS A 317 13.58 -5.12 17.97
CA LYS A 317 14.02 -4.60 19.29
C LYS A 317 15.14 -5.45 19.96
N TYR A 318 15.30 -6.72 19.55
CA TYR A 318 16.40 -7.59 20.03
C TYR A 318 17.67 -7.56 19.14
N LYS A 319 18.76 -8.00 19.74
CA LYS A 319 20.00 -8.20 19.03
C LYS A 319 19.88 -9.43 18.10
N GLU A 320 20.85 -9.54 17.19
CA GLU A 320 20.93 -10.70 16.29
C GLU A 320 21.13 -11.98 17.15
N PRO A 321 20.36 -13.06 16.87
CA PRO A 321 20.44 -14.22 17.78
C PRO A 321 21.76 -14.96 17.83
N TRP A 322 22.77 -14.55 17.07
CA TRP A 322 24.11 -15.18 17.13
C TRP A 322 25.16 -14.25 17.73
N GLU A 323 24.73 -13.10 18.26
CA GLU A 323 25.63 -12.09 18.84
C GLU A 323 25.93 -12.32 20.33
N ASP A 324 27.11 -11.77 20.73
CA ASP A 324 27.58 -11.62 22.13
C ASP A 324 27.40 -10.17 22.63
N ALA B 3 -32.92 -30.12 -7.33
CA ALA B 3 -33.68 -30.41 -8.59
C ALA B 3 -35.00 -29.61 -8.72
N MET B 4 -35.78 -29.36 -7.64
CA MET B 4 -37.10 -28.63 -7.77
C MET B 4 -36.98 -27.08 -7.64
N ILE B 5 -36.45 -26.44 -8.70
CA ILE B 5 -36.06 -25.05 -8.64
C ILE B 5 -37.24 -24.16 -8.97
N VAL B 6 -37.49 -23.17 -8.14
CA VAL B 6 -38.64 -22.28 -8.38
C VAL B 6 -38.42 -21.36 -9.61
N LYS B 7 -39.50 -20.92 -10.24
CA LYS B 7 -39.35 -20.13 -11.46
C LYS B 7 -38.66 -18.76 -11.20
N GLU B 8 -38.72 -18.22 -9.99
CA GLU B 8 -38.02 -16.98 -9.69
C GLU B 8 -36.47 -17.08 -9.84
N VAL B 9 -35.90 -18.25 -9.62
CA VAL B 9 -34.50 -18.46 -9.78
C VAL B 9 -34.18 -18.39 -11.27
N TYR B 10 -34.96 -19.10 -12.07
CA TYR B 10 -34.73 -19.12 -13.51
C TYR B 10 -34.95 -17.74 -14.13
N GLU B 11 -35.98 -17.04 -13.68
CA GLU B 11 -36.32 -15.75 -14.23
C GLU B 11 -35.26 -14.71 -13.80
N THR B 12 -34.77 -14.83 -12.57
CA THR B 12 -33.76 -13.93 -12.09
C THR B 12 -32.51 -14.13 -12.98
N ALA B 13 -32.18 -15.38 -13.24
CA ALA B 13 -31.02 -15.73 -14.06
C ALA B 13 -31.11 -15.19 -15.48
N GLU B 14 -32.28 -15.40 -16.11
CA GLU B 14 -32.57 -14.87 -17.46
C GLU B 14 -32.38 -13.34 -17.50
N LYS B 15 -32.92 -12.67 -16.50
CA LYS B 15 -32.85 -11.24 -16.41
C LYS B 15 -31.44 -10.67 -16.15
N ILE B 16 -30.65 -11.40 -15.38
CA ILE B 16 -29.25 -11.07 -15.23
C ILE B 16 -28.55 -11.19 -16.58
N LYS B 17 -28.72 -12.33 -17.26
CA LYS B 17 -28.08 -12.62 -18.53
C LYS B 17 -28.47 -11.63 -19.62
N SER B 18 -29.73 -11.22 -19.65
CA SER B 18 -30.18 -10.30 -20.68
C SER B 18 -29.92 -8.84 -20.31
N MET B 19 -29.48 -8.58 -19.08
CA MET B 19 -29.25 -7.23 -18.56
C MET B 19 -30.47 -6.42 -18.31
N GLU B 20 -31.60 -7.06 -18.21
CA GLU B 20 -32.78 -6.40 -17.63
C GLU B 20 -32.50 -6.09 -16.16
N ILE B 21 -31.76 -6.94 -15.46
CA ILE B 21 -31.28 -6.61 -14.11
C ILE B 21 -29.78 -6.40 -14.31
N ARG B 22 -29.26 -5.22 -13.98
CA ARG B 22 -27.86 -4.87 -14.32
C ARG B 22 -27.29 -3.94 -13.25
N GLY B 23 -25.98 -3.77 -13.27
CA GLY B 23 -25.28 -3.05 -12.22
C GLY B 23 -24.76 -4.08 -11.25
N ALA B 24 -23.50 -3.99 -10.83
CA ALA B 24 -22.94 -5.07 -10.01
C ALA B 24 -23.64 -5.28 -8.68
N GLY B 25 -23.93 -4.21 -7.96
CA GLY B 25 -24.63 -4.34 -6.71
C GLY B 25 -26.03 -4.85 -6.79
N ARG B 26 -26.73 -4.45 -7.82
CA ARG B 26 -28.11 -4.85 -8.02
C ARG B 26 -28.23 -6.31 -8.40
N ILE B 27 -27.32 -6.77 -9.28
CA ILE B 27 -27.18 -8.13 -9.61
C ILE B 27 -26.93 -8.98 -8.34
N ALA B 28 -26.08 -8.53 -7.44
CA ALA B 28 -25.77 -9.31 -6.26
C ALA B 28 -27.03 -9.39 -5.34
N ARG B 29 -27.70 -8.25 -5.12
CA ARG B 29 -28.96 -8.25 -4.44
C ARG B 29 -29.99 -9.16 -5.05
N ALA B 30 -30.08 -9.21 -6.38
CA ALA B 30 -31.06 -10.03 -7.03
C ALA B 30 -30.73 -11.52 -6.87
N ALA B 31 -29.45 -11.86 -6.78
CA ALA B 31 -29.07 -13.27 -6.57
C ALA B 31 -29.41 -13.71 -5.14
N ALA B 32 -29.05 -12.90 -4.14
CA ALA B 32 -29.42 -13.16 -2.76
C ALA B 32 -30.96 -13.32 -2.60
N GLN B 33 -31.69 -12.44 -3.25
CA GLN B 33 -33.14 -12.51 -3.30
C GLN B 33 -33.68 -13.79 -3.93
N ALA B 34 -33.06 -14.23 -5.02
CA ALA B 34 -33.47 -15.45 -5.65
C ALA B 34 -33.25 -16.66 -4.68
N LEU B 35 -32.14 -16.73 -3.97
CA LEU B 35 -31.91 -17.77 -2.99
C LEU B 35 -32.95 -17.69 -1.84
N MET B 36 -33.29 -16.48 -1.44
CA MET B 36 -34.26 -16.23 -0.43
C MET B 36 -35.57 -16.88 -0.81
N ILE B 37 -35.97 -16.69 -2.04
CA ILE B 37 -37.23 -17.13 -2.54
C ILE B 37 -37.29 -18.65 -2.72
N GLN B 38 -36.23 -19.25 -3.27
CA GLN B 38 -36.09 -20.68 -3.31
C GLN B 38 -36.27 -21.34 -1.90
N ALA B 39 -35.70 -20.74 -0.89
CA ALA B 39 -35.79 -21.26 0.46
C ALA B 39 -37.20 -21.07 1.02
N GLU B 40 -37.79 -19.88 0.89
CA GLU B 40 -39.17 -19.62 1.35
C GLU B 40 -40.18 -20.59 0.73
N LYS B 41 -40.10 -20.80 -0.59
CA LYS B 41 -41.06 -21.61 -1.34
C LYS B 41 -40.68 -23.10 -1.52
N SER B 42 -39.53 -23.53 -1.00
CA SER B 42 -39.15 -24.90 -1.16
C SER B 42 -40.24 -25.76 -0.53
N LYS B 43 -40.60 -26.82 -1.23
CA LYS B 43 -41.41 -27.89 -0.69
C LYS B 43 -40.53 -29.02 -0.20
N ALA B 44 -39.21 -28.81 -0.05
CA ALA B 44 -38.36 -29.86 0.53
C ALA B 44 -38.85 -30.33 1.91
N LYS B 45 -38.69 -31.63 2.19
CA LYS B 45 -39.14 -32.22 3.47
C LYS B 45 -37.98 -32.59 4.37
N GLU B 46 -36.78 -32.68 3.81
CA GLU B 46 -35.58 -32.98 4.56
C GLU B 46 -34.52 -31.90 4.27
N PRO B 47 -33.65 -31.63 5.25
CA PRO B 47 -32.55 -30.66 5.08
C PRO B 47 -31.64 -30.93 3.87
N GLU B 48 -31.27 -32.19 3.61
CA GLU B 48 -30.42 -32.53 2.48
C GLU B 48 -31.03 -32.11 1.12
N GLU B 49 -32.35 -32.12 1.06
CA GLU B 49 -33.06 -31.84 -0.15
C GLU B 49 -33.10 -30.30 -0.38
N LEU B 50 -33.33 -29.53 0.68
CA LEU B 50 -33.26 -28.06 0.62
C LEU B 50 -31.84 -27.62 0.27
N TRP B 51 -30.87 -28.23 0.93
CA TRP B 51 -29.46 -28.01 0.65
C TRP B 51 -29.14 -28.23 -0.84
N ASN B 52 -29.66 -29.32 -1.41
CA ASN B 52 -29.48 -29.54 -2.84
C ASN B 52 -30.05 -28.47 -3.74
N GLU B 53 -31.25 -28.01 -3.42
CA GLU B 53 -31.89 -26.96 -4.18
C GLU B 53 -31.09 -25.65 -4.09
N LEU B 54 -30.53 -25.37 -2.92
CA LEU B 54 -29.83 -24.14 -2.74
C LEU B 54 -28.52 -24.20 -3.54
N LYS B 55 -27.89 -25.35 -3.57
CA LYS B 55 -26.68 -25.57 -4.37
C LYS B 55 -26.93 -25.45 -5.85
N VAL B 56 -28.00 -26.07 -6.32
CA VAL B 56 -28.35 -26.01 -7.74
C VAL B 56 -28.73 -24.57 -8.14
N ALA B 57 -29.48 -23.89 -7.28
CA ALA B 57 -29.91 -22.54 -7.58
C ALA B 57 -28.68 -21.59 -7.57
N SER B 58 -27.77 -21.76 -6.61
CA SER B 58 -26.53 -21.05 -6.59
C SER B 58 -25.76 -21.20 -7.90
N LYS B 59 -25.70 -22.40 -8.45
CA LYS B 59 -24.96 -22.67 -9.68
C LYS B 59 -25.59 -22.01 -10.88
N ILE B 60 -26.90 -22.07 -10.95
CA ILE B 60 -27.62 -21.42 -11.99
C ILE B 60 -27.41 -19.91 -11.96
N LEU B 61 -27.44 -19.30 -10.79
CA LEU B 61 -27.20 -17.86 -10.71
C LEU B 61 -25.72 -17.47 -10.96
N TYR B 62 -24.79 -18.31 -10.53
CA TYR B 62 -23.36 -18.11 -10.77
C TYR B 62 -22.96 -18.11 -12.25
N ASN B 63 -23.60 -18.96 -13.05
CA ASN B 63 -23.34 -19.11 -14.48
C ASN B 63 -24.07 -18.09 -15.39
N THR B 64 -24.38 -16.89 -14.86
CA THR B 64 -25.14 -15.91 -15.61
C THR B 64 -24.12 -14.96 -16.27
N ARG B 65 -23.36 -14.22 -15.46
CA ARG B 65 -22.40 -13.18 -15.91
C ARG B 65 -21.14 -13.27 -15.09
N PRO B 66 -19.96 -13.39 -15.77
CA PRO B 66 -18.77 -13.75 -15.04
C PRO B 66 -18.03 -12.67 -14.32
N THR B 67 -18.10 -11.41 -14.74
CA THR B 67 -17.02 -10.48 -14.39
C THR B 67 -17.19 -9.79 -13.05
N ALA B 68 -18.43 -9.46 -12.70
CA ALA B 68 -18.67 -8.79 -11.43
C ALA B 68 -18.68 -9.83 -10.27
N VAL B 69 -17.68 -9.74 -9.41
CA VAL B 69 -17.50 -10.62 -8.31
C VAL B 69 -18.56 -10.41 -7.18
N SER B 70 -19.26 -9.28 -7.19
CA SER B 70 -20.36 -9.05 -6.26
C SER B 70 -21.34 -10.25 -6.26
N LEU B 71 -21.67 -10.79 -7.44
CA LEU B 71 -22.59 -11.92 -7.57
C LEU B 71 -22.13 -13.19 -6.78
N PRO B 72 -20.98 -13.78 -7.17
CA PRO B 72 -20.46 -14.86 -6.32
C PRO B 72 -20.23 -14.50 -4.87
N ASN B 73 -19.83 -13.26 -4.57
CA ASN B 73 -19.66 -12.87 -3.16
C ASN B 73 -21.03 -12.87 -2.40
N ALA B 74 -22.09 -12.52 -3.10
CA ALA B 74 -23.40 -12.60 -2.50
C ALA B 74 -23.82 -14.08 -2.28
N LEU B 75 -23.65 -14.89 -3.30
CA LEU B 75 -23.93 -16.31 -3.20
C LEU B 75 -23.12 -16.95 -2.05
N ARG B 76 -21.85 -16.58 -1.90
CA ARG B 76 -21.03 -17.07 -0.83
C ARG B 76 -21.48 -16.62 0.54
N TYR B 77 -21.89 -15.37 0.65
CA TYR B 77 -22.33 -14.86 1.90
C TYR B 77 -23.52 -15.74 2.46
N VAL B 78 -24.48 -15.99 1.62
CA VAL B 78 -25.60 -16.83 1.95
C VAL B 78 -25.12 -18.28 2.12
N MET B 79 -24.38 -18.81 1.15
CA MET B 79 -24.06 -20.22 1.13
C MET B 79 -23.03 -20.69 2.13
N HIS B 80 -22.04 -19.88 2.51
CA HIS B 80 -21.16 -20.28 3.59
C HIS B 80 -21.99 -20.51 4.85
N ARG B 81 -22.98 -19.65 5.10
CA ARG B 81 -23.79 -19.72 6.33
C ARG B 81 -24.73 -20.92 6.27
N VAL B 82 -25.37 -21.11 5.13
CA VAL B 82 -26.20 -22.27 4.91
C VAL B 82 -25.41 -23.58 5.03
N LYS B 83 -24.21 -23.65 4.45
CA LYS B 83 -23.42 -24.81 4.50
C LYS B 83 -22.97 -25.13 5.93
N ALA B 84 -22.56 -24.14 6.71
CA ALA B 84 -22.21 -24.38 8.09
C ALA B 84 -23.40 -24.85 8.95
N ALA B 85 -24.60 -24.42 8.64
CA ALA B 85 -25.79 -24.90 9.37
C ALA B 85 -26.15 -26.34 8.98
N TYR B 86 -26.18 -26.65 7.68
CA TYR B 86 -26.40 -28.02 7.19
C TYR B 86 -25.42 -29.04 7.80
N LEU B 87 -24.13 -28.75 7.73
CA LEU B 87 -23.09 -29.61 8.27
C LEU B 87 -23.07 -29.60 9.80
N GLY B 88 -23.64 -28.59 10.42
CA GLY B 88 -23.78 -28.57 11.87
C GLY B 88 -25.03 -29.30 12.35
N GLY B 89 -25.75 -29.97 11.44
CA GLY B 89 -26.92 -30.77 11.80
C GLY B 89 -28.27 -30.07 11.82
N ALA B 90 -28.34 -28.86 11.31
CA ALA B 90 -29.58 -28.13 11.37
C ALA B 90 -30.69 -28.93 10.71
N ASP B 91 -31.88 -28.75 11.25
CA ASP B 91 -33.08 -29.34 10.72
C ASP B 91 -33.62 -28.41 9.63
N LEU B 92 -34.74 -28.80 9.03
CA LEU B 92 -35.28 -28.17 7.88
C LEU B 92 -35.54 -26.69 8.15
N GLU B 93 -36.35 -26.38 9.16
CA GLU B 93 -36.76 -25.01 9.40
C GLU B 93 -35.58 -24.15 9.78
N THR B 94 -34.59 -24.74 10.43
CA THR B 94 -33.40 -24.01 10.78
C THR B 94 -32.53 -23.64 9.54
N LEU B 95 -32.42 -24.56 8.60
CA LEU B 95 -31.65 -24.37 7.39
C LEU B 95 -32.36 -23.36 6.50
N ARG B 96 -33.67 -23.46 6.41
CA ARG B 96 -34.49 -22.51 5.69
C ARG B 96 -34.29 -21.09 6.19
N PHE B 97 -34.43 -20.91 7.51
CA PHE B 97 -34.25 -19.63 8.10
C PHE B 97 -32.84 -19.10 7.89
N THR B 98 -31.82 -19.93 8.00
CA THR B 98 -30.45 -19.49 7.82
C THR B 98 -30.26 -18.86 6.42
N ALA B 99 -30.82 -19.55 5.39
CA ALA B 99 -30.82 -19.10 4.00
C ALA B 99 -31.59 -17.79 3.86
N ILE B 100 -32.81 -17.73 4.34
CA ILE B 100 -33.61 -16.47 4.25
C ILE B 100 -32.96 -15.26 4.91
N ASN B 101 -32.44 -15.49 6.09
CA ASN B 101 -31.94 -14.46 6.90
C ASN B 101 -30.54 -14.00 6.46
N SER B 102 -29.74 -14.90 5.92
CA SER B 102 -28.47 -14.57 5.39
C SER B 102 -28.72 -13.74 4.13
N ALA B 103 -29.67 -14.15 3.32
CA ALA B 103 -30.02 -13.40 2.13
C ALA B 103 -30.44 -11.96 2.51
N LYS B 104 -31.27 -11.84 3.55
CA LYS B 104 -31.76 -10.55 3.97
C LYS B 104 -30.72 -9.63 4.50
N GLU B 105 -29.80 -10.17 5.29
CA GLU B 105 -28.68 -9.41 5.81
C GLU B 105 -27.76 -8.87 4.68
N PHE B 106 -27.46 -9.71 3.69
CA PHE B 106 -26.64 -9.29 2.55
C PHE B 106 -27.32 -8.09 1.86
N ILE B 107 -28.63 -8.20 1.65
CA ILE B 107 -29.40 -7.18 0.94
C ILE B 107 -29.39 -5.86 1.73
N TYR B 108 -29.62 -5.99 3.03
CA TYR B 108 -29.64 -4.84 3.93
C TYR B 108 -28.23 -4.22 4.07
N ASN B 109 -27.21 -5.04 4.24
CA ASN B 109 -25.86 -4.57 4.25
C ASN B 109 -25.46 -3.81 2.94
N SER B 110 -25.89 -4.33 1.78
CA SER B 110 -25.68 -3.68 0.50
C SER B 110 -26.33 -2.32 0.46
N GLU B 111 -27.55 -2.21 0.91
CA GLU B 111 -28.23 -0.89 0.89
C GLU B 111 -27.54 0.12 1.80
N LYS B 112 -27.19 -0.29 3.01
CA LYS B 112 -26.47 0.55 3.95
C LYS B 112 -25.05 0.95 3.43
N ALA B 113 -24.38 0.02 2.77
CA ALA B 113 -23.06 0.25 2.31
C ALA B 113 -23.05 1.36 1.23
N ILE B 114 -24.04 1.33 0.35
CA ILE B 114 -24.16 2.32 -0.71
C ILE B 114 -24.50 3.68 -0.16
N GLU B 115 -25.35 3.71 0.86
CA GLU B 115 -25.60 4.94 1.56
C GLU B 115 -24.33 5.54 2.25
N ARG B 116 -23.57 4.72 2.94
CA ARG B 116 -22.39 5.17 3.65
C ARG B 116 -21.25 5.68 2.66
N ILE B 117 -21.10 4.95 1.57
CA ILE B 117 -20.20 5.36 0.45
C ILE B 117 -20.52 6.77 -0.07
N GLY B 118 -21.81 7.02 -0.24
CA GLY B 118 -22.31 8.37 -0.53
C GLY B 118 -21.90 9.42 0.48
N GLU B 119 -22.08 9.13 1.75
CA GLU B 119 -21.77 10.12 2.78
C GLU B 119 -20.28 10.37 2.86
N ILE B 120 -19.50 9.31 2.75
CA ILE B 120 -18.03 9.44 2.79
C ILE B 120 -17.54 10.15 1.51
N GLY B 121 -17.98 9.67 0.36
CA GLY B 121 -17.48 10.26 -0.91
C GLY B 121 -17.88 11.74 -1.11
N ALA B 122 -19.07 12.10 -0.63
CA ALA B 122 -19.58 13.45 -0.78
C ALA B 122 -18.72 14.44 -0.06
N LYS B 123 -18.01 14.03 1.00
CA LYS B 123 -17.11 14.96 1.63
C LYS B 123 -15.90 15.30 0.77
N ARG B 124 -15.53 14.47 -0.19
CA ARG B 124 -14.50 14.82 -1.15
C ARG B 124 -14.96 15.76 -2.25
N ILE B 125 -16.27 16.02 -2.38
CA ILE B 125 -16.77 16.79 -3.48
C ILE B 125 -16.85 18.21 -2.99
N GLU B 126 -16.35 19.20 -3.75
CA GLU B 126 -16.43 20.61 -3.31
C GLU B 126 -17.42 21.41 -4.13
N ASP B 127 -17.89 22.51 -3.54
CA ASP B 127 -18.82 23.39 -4.21
C ASP B 127 -18.25 23.87 -5.55
N GLY B 128 -19.07 23.83 -6.57
CA GLY B 128 -18.66 24.21 -7.95
C GLY B 128 -17.96 23.12 -8.77
N ASP B 129 -17.76 21.93 -8.18
CA ASP B 129 -17.09 20.83 -8.91
C ASP B 129 -17.83 20.37 -10.18
N ILE B 130 -17.05 20.15 -11.24
CA ILE B 130 -17.48 19.43 -12.42
C ILE B 130 -16.97 18.00 -12.25
N ILE B 131 -17.88 17.02 -12.30
CA ILE B 131 -17.55 15.65 -12.09
C ILE B 131 -17.82 14.86 -13.33
N MET B 132 -16.89 14.06 -13.82
CA MET B 132 -17.20 13.18 -14.93
C MET B 132 -17.41 11.77 -14.41
N THR B 133 -18.39 11.05 -14.99
CA THR B 133 -18.69 9.68 -14.57
C THR B 133 -18.81 8.85 -15.81
N HIS B 134 -18.99 7.54 -15.66
CA HIS B 134 -19.03 6.64 -16.81
C HIS B 134 -19.97 5.52 -16.44
N CYS B 135 -20.67 4.97 -17.41
CA CYS B 135 -21.70 3.92 -17.15
C CYS B 135 -22.77 4.40 -16.16
N HIS B 136 -23.40 3.45 -15.49
CA HIS B 136 -24.37 3.77 -14.43
C HIS B 136 -24.01 2.92 -13.20
N SER B 137 -23.56 3.61 -12.15
CA SER B 137 -23.13 3.01 -10.94
C SER B 137 -23.94 3.63 -9.81
N LYS B 138 -24.64 2.79 -9.06
CA LYS B 138 -25.43 3.31 -7.93
C LYS B 138 -24.49 3.78 -6.88
N ALA B 139 -23.31 3.20 -6.76
CA ALA B 139 -22.40 3.68 -5.73
C ALA B 139 -21.89 5.07 -6.11
N ALA B 140 -21.51 5.29 -7.39
CA ALA B 140 -21.01 6.62 -7.81
C ALA B 140 -22.12 7.67 -7.69
N ILE B 141 -23.32 7.30 -8.12
CA ILE B 141 -24.48 8.19 -8.03
C ILE B 141 -24.80 8.60 -6.61
N SER B 142 -24.66 7.68 -5.66
CA SER B 142 -24.92 7.98 -4.23
C SER B 142 -24.00 9.12 -3.79
N VAL B 143 -22.79 9.13 -4.30
CA VAL B 143 -21.82 10.18 -3.97
C VAL B 143 -22.33 11.55 -4.47
N MET B 144 -22.71 11.60 -5.74
CA MET B 144 -23.12 12.87 -6.35
C MET B 144 -24.43 13.37 -5.79
N LYS B 145 -25.34 12.43 -5.57
CA LYS B 145 -26.65 12.75 -4.98
C LYS B 145 -26.44 13.37 -3.57
N LYS B 146 -25.60 12.78 -2.73
CA LYS B 146 -25.37 13.34 -1.41
C LYS B 146 -24.65 14.67 -1.46
N ALA B 147 -23.68 14.87 -2.35
CA ALA B 147 -22.99 16.18 -2.42
C ALA B 147 -24.00 17.25 -2.82
N PHE B 148 -24.89 16.96 -3.77
CA PHE B 148 -25.91 17.89 -4.13
C PHE B 148 -26.87 18.19 -2.95
N GLU B 149 -27.25 17.19 -2.17
CA GLU B 149 -28.15 17.41 -1.01
C GLU B 149 -27.51 18.23 0.07
N GLN B 150 -26.19 18.11 0.21
CA GLN B 150 -25.43 19.04 1.06
C GLN B 150 -25.41 20.50 0.55
N GLY B 151 -25.92 20.78 -0.65
CA GLY B 151 -25.97 22.16 -1.17
C GLY B 151 -24.75 22.58 -1.99
N LYS B 152 -23.91 21.61 -2.36
CA LYS B 152 -22.83 21.84 -3.33
C LYS B 152 -23.40 21.91 -4.75
N ASN B 153 -23.06 22.95 -5.48
CA ASN B 153 -23.58 23.16 -6.83
C ASN B 153 -22.62 22.45 -7.75
N ILE B 154 -22.94 21.23 -8.12
CA ILE B 154 -22.10 20.44 -8.92
C ILE B 154 -22.73 20.33 -10.26
N LYS B 155 -21.93 19.93 -11.22
CA LYS B 155 -22.44 19.54 -12.50
C LYS B 155 -21.72 18.25 -12.91
N VAL B 156 -22.42 17.37 -13.63
CA VAL B 156 -21.90 16.08 -13.94
C VAL B 156 -21.84 15.88 -15.42
N ILE B 157 -20.66 15.48 -15.91
CA ILE B 157 -20.46 15.04 -17.27
C ILE B 157 -20.63 13.53 -17.31
N VAL B 158 -21.56 13.12 -18.12
CA VAL B 158 -21.97 11.78 -18.21
C VAL B 158 -21.62 11.34 -19.59
N THR B 159 -20.92 10.25 -19.68
CA THR B 159 -20.55 9.69 -20.96
C THR B 159 -21.64 8.69 -21.31
N GLU B 160 -21.99 8.61 -22.60
CA GLU B 160 -23.07 7.76 -23.05
C GLU B 160 -22.95 6.27 -22.78
N THR B 161 -21.71 5.77 -22.79
CA THR B 161 -21.36 4.40 -22.50
C THR B 161 -21.96 3.38 -23.48
N ARG B 162 -21.38 3.34 -24.65
CA ARG B 162 -21.67 2.35 -25.65
C ARG B 162 -21.13 1.01 -25.17
N PRO B 163 -21.67 -0.08 -25.66
CA PRO B 163 -22.77 -0.12 -26.62
C PRO B 163 -24.23 -0.13 -26.05
N LYS B 164 -24.40 -0.39 -24.75
CA LYS B 164 -25.73 -0.56 -24.12
C LYS B 164 -26.36 0.74 -23.64
N TRP B 165 -25.63 1.85 -23.75
CA TRP B 165 -26.13 3.18 -23.44
C TRP B 165 -26.48 3.39 -21.96
N GLN B 166 -25.67 2.84 -21.06
CA GLN B 166 -25.97 3.00 -19.62
C GLN B 166 -25.97 4.47 -19.19
N GLY B 167 -25.27 5.32 -19.96
CA GLY B 167 -25.21 6.73 -19.63
C GLY B 167 -26.54 7.46 -19.70
N LYS B 168 -27.45 6.99 -20.53
CA LYS B 168 -28.80 7.54 -20.58
C LYS B 168 -29.50 7.33 -19.25
N ILE B 169 -29.22 6.22 -18.57
CA ILE B 169 -29.85 5.96 -17.26
C ILE B 169 -29.29 6.98 -16.29
N THR B 170 -27.96 7.15 -16.32
CA THR B 170 -27.31 8.04 -15.37
C THR B 170 -27.79 9.50 -15.57
N ALA B 171 -27.84 9.93 -16.82
CA ALA B 171 -28.18 11.31 -17.11
C ALA B 171 -29.56 11.61 -16.59
N LYS B 172 -30.51 10.78 -16.93
CA LYS B 172 -31.93 10.99 -16.52
C LYS B 172 -32.07 10.87 -15.03
N GLU B 173 -31.32 9.97 -14.40
CA GLU B 173 -31.41 9.84 -12.95
C GLU B 173 -30.81 11.06 -12.21
N LEU B 174 -29.64 11.55 -12.64
CA LEU B 174 -29.08 12.69 -11.90
C LEU B 174 -29.92 13.91 -12.13
N ALA B 175 -30.43 14.07 -13.34
CA ALA B 175 -31.27 15.25 -13.64
C ALA B 175 -32.57 15.23 -12.83
N SER B 176 -33.16 14.04 -12.61
CA SER B 176 -34.35 13.92 -11.75
C SER B 176 -34.08 14.36 -10.33
N TYR B 177 -32.83 14.30 -9.86
CA TYR B 177 -32.53 14.81 -8.53
C TYR B 177 -32.29 16.27 -8.49
N GLY B 178 -32.32 16.97 -9.60
CA GLY B 178 -31.95 18.38 -9.62
C GLY B 178 -30.55 18.69 -10.13
N ILE B 179 -29.74 17.69 -10.50
CA ILE B 179 -28.32 17.94 -10.81
C ILE B 179 -28.16 18.23 -12.27
N PRO B 180 -27.51 19.34 -12.62
CA PRO B 180 -27.28 19.54 -14.07
C PRO B 180 -26.27 18.51 -14.69
N VAL B 181 -26.54 18.12 -15.91
CA VAL B 181 -25.83 17.08 -16.59
C VAL B 181 -25.36 17.66 -17.93
N ILE B 182 -24.12 17.36 -18.27
CA ILE B 182 -23.61 17.46 -19.62
C ILE B 182 -23.38 16.06 -20.18
N TYR B 183 -23.99 15.77 -21.30
CA TYR B 183 -23.98 14.46 -21.85
C TYR B 183 -23.10 14.49 -23.08
N ILE B 184 -22.19 13.53 -23.20
CA ILE B 184 -21.21 13.46 -24.31
C ILE B 184 -21.00 12.03 -24.74
N VAL B 185 -20.47 11.86 -25.94
CA VAL B 185 -19.98 10.56 -26.35
C VAL B 185 -18.65 10.19 -25.62
N ASP B 186 -18.35 8.90 -25.46
CA ASP B 186 -17.16 8.38 -24.70
C ASP B 186 -15.85 9.00 -25.32
N SER B 187 -15.81 9.08 -26.66
CA SER B 187 -14.68 9.70 -27.37
C SER B 187 -14.34 11.10 -26.94
N ALA B 188 -15.27 11.84 -26.34
CA ALA B 188 -15.01 13.23 -26.01
C ALA B 188 -14.47 13.45 -24.59
N ALA B 189 -14.14 12.36 -23.91
CA ALA B 189 -13.72 12.45 -22.52
C ALA B 189 -12.38 13.17 -22.34
N ARG B 190 -11.44 12.97 -23.25
CA ARG B 190 -10.19 13.71 -23.17
C ARG B 190 -10.43 15.19 -23.44
N HIS B 191 -11.17 15.50 -24.51
CA HIS B 191 -11.54 16.89 -24.84
C HIS B 191 -12.16 17.67 -23.64
N TYR B 192 -12.97 17.02 -22.82
CA TYR B 192 -13.55 17.74 -21.66
C TYR B 192 -12.84 17.52 -20.36
N MET B 193 -11.71 16.83 -20.40
CA MET B 193 -10.99 16.54 -19.14
C MET B 193 -10.39 17.79 -18.52
N LYS B 194 -9.98 18.76 -19.36
CA LYS B 194 -9.53 20.10 -18.94
C LYS B 194 -10.55 20.78 -17.98
N MET B 195 -11.83 20.70 -18.29
CA MET B 195 -12.82 21.39 -17.45
C MET B 195 -13.27 20.56 -16.22
N THR B 196 -12.90 19.29 -16.15
CA THR B 196 -13.36 18.38 -15.06
C THR B 196 -12.52 18.50 -13.80
N ASP B 197 -13.14 18.49 -12.64
CA ASP B 197 -12.37 18.56 -11.38
C ASP B 197 -12.16 17.19 -10.81
N LYS B 198 -13.13 16.26 -10.98
CA LYS B 198 -13.07 14.93 -10.44
C LYS B 198 -13.72 13.93 -11.37
N VAL B 199 -13.23 12.70 -11.37
CA VAL B 199 -13.82 11.55 -12.00
C VAL B 199 -14.30 10.63 -10.86
N VAL B 200 -15.56 10.17 -10.96
CA VAL B 200 -16.19 9.34 -9.93
C VAL B 200 -16.90 8.22 -10.68
N MET B 201 -16.37 6.99 -10.56
CA MET B 201 -16.90 5.82 -11.24
C MET B 201 -17.10 4.71 -10.23
N GLY B 202 -17.78 3.65 -10.67
CA GLY B 202 -17.93 2.43 -9.80
C GLY B 202 -17.02 1.29 -10.22
N ALA B 203 -17.32 0.10 -9.73
CA ALA B 203 -16.53 -1.12 -10.02
C ALA B 203 -17.33 -2.40 -10.02
N ASP B 204 -16.99 -3.30 -10.94
CA ASP B 204 -17.47 -4.69 -10.88
C ASP B 204 -16.64 -5.64 -10.06
N SER B 205 -15.31 -5.56 -10.18
CA SER B 205 -14.33 -6.30 -9.40
C SER B 205 -13.08 -5.43 -9.18
N ILE B 206 -12.54 -5.54 -7.98
CA ILE B 206 -11.29 -4.93 -7.62
C ILE B 206 -10.35 -6.07 -7.20
N THR B 207 -9.14 -6.07 -7.72
CA THR B 207 -8.23 -7.18 -7.56
C THR B 207 -7.25 -6.92 -6.45
N ALA B 208 -6.53 -7.96 -6.10
CA ALA B 208 -5.56 -7.92 -4.99
C ALA B 208 -4.44 -6.91 -5.17
N ASN B 209 -4.08 -6.64 -6.43
CA ASN B 209 -3.13 -5.57 -6.67
C ASN B 209 -3.67 -4.15 -6.82
N GLY B 210 -4.96 -3.92 -6.60
CA GLY B 210 -5.52 -2.59 -6.72
C GLY B 210 -6.12 -2.25 -8.07
N ALA B 211 -6.06 -3.15 -9.05
CA ALA B 211 -6.68 -2.91 -10.33
C ALA B 211 -8.24 -2.95 -10.19
N VAL B 212 -8.89 -2.13 -10.98
CA VAL B 212 -10.36 -2.01 -10.97
C VAL B 212 -10.87 -2.44 -12.34
N ILE B 213 -11.76 -3.42 -12.32
CA ILE B 213 -12.44 -3.93 -13.53
C ILE B 213 -13.82 -3.29 -13.51
N ASN B 214 -14.15 -2.58 -14.60
CA ASN B 214 -15.35 -1.71 -14.69
C ASN B 214 -15.76 -1.63 -16.16
N LYS B 215 -16.93 -1.04 -16.44
CA LYS B 215 -17.42 -0.93 -17.78
C LYS B 215 -16.32 -0.49 -18.80
N ILE B 216 -16.27 -1.19 -19.91
CA ILE B 216 -15.49 -0.84 -21.07
C ILE B 216 -15.46 0.68 -21.25
N GLY B 217 -14.24 1.19 -21.30
CA GLY B 217 -13.94 2.62 -21.46
C GLY B 217 -13.44 3.25 -20.19
N THR B 218 -13.64 2.59 -19.04
CA THR B 218 -13.24 3.19 -17.75
C THR B 218 -11.74 3.51 -17.71
N SER B 219 -10.96 2.57 -18.21
CA SER B 219 -9.51 2.69 -18.26
C SER B 219 -9.03 3.83 -19.07
N LEU B 220 -9.76 4.14 -20.13
CA LEU B 220 -9.44 5.31 -20.94
C LEU B 220 -9.68 6.61 -20.22
N ILE B 221 -10.84 6.70 -19.58
CA ILE B 221 -11.17 7.89 -18.81
C ILE B 221 -10.14 8.07 -17.67
N ALA B 222 -9.77 7.00 -17.00
CA ALA B 222 -8.79 7.12 -15.90
C ALA B 222 -7.37 7.56 -16.42
N LEU B 223 -6.98 7.03 -17.57
CA LEU B 223 -5.72 7.37 -18.19
C LEU B 223 -5.69 8.84 -18.50
N THR B 224 -6.72 9.38 -19.15
CA THR B 224 -6.65 10.78 -19.45
C THR B 224 -6.84 11.68 -18.25
N ALA B 225 -7.58 11.21 -17.27
CA ALA B 225 -7.68 11.94 -16.01
C ALA B 225 -6.34 12.05 -15.34
N LYS B 226 -5.63 10.94 -15.29
CA LYS B 226 -4.28 10.99 -14.72
C LYS B 226 -3.37 11.99 -15.49
N GLU B 227 -3.41 11.91 -16.78
CA GLU B 227 -2.70 12.83 -17.66
C GLU B 227 -2.95 14.29 -17.24
N HIS B 228 -4.19 14.58 -16.86
CA HIS B 228 -4.60 15.91 -16.49
C HIS B 228 -4.58 16.26 -15.04
N ARG B 229 -4.04 15.39 -14.20
CA ARG B 229 -4.09 15.58 -12.75
C ARG B 229 -5.50 15.77 -12.22
N VAL B 230 -6.42 15.05 -12.78
CA VAL B 230 -7.78 15.07 -12.23
C VAL B 230 -7.96 13.82 -11.34
N TRP B 231 -8.42 14.03 -10.14
CA TRP B 231 -8.67 12.87 -9.21
C TRP B 231 -9.58 11.78 -9.78
N VAL B 232 -9.15 10.52 -9.73
CA VAL B 232 -10.01 9.40 -10.00
C VAL B 232 -10.42 8.72 -8.71
N MET B 233 -11.74 8.70 -8.47
CA MET B 233 -12.33 8.10 -7.28
C MET B 233 -13.22 6.98 -7.71
N ILE B 234 -13.04 5.79 -7.12
CA ILE B 234 -13.82 4.64 -7.39
C ILE B 234 -14.72 4.37 -6.16
N ALA B 235 -16.04 4.39 -6.34
CA ALA B 235 -17.04 4.16 -5.24
C ALA B 235 -17.40 2.70 -5.34
N ALA B 236 -17.06 1.93 -4.32
CA ALA B 236 -17.18 0.47 -4.38
C ALA B 236 -17.31 -0.20 -3.02
N GLU B 237 -18.32 -1.06 -2.91
CA GLU B 237 -18.60 -1.77 -1.66
C GLU B 237 -17.53 -2.84 -1.48
N THR B 238 -17.30 -3.30 -0.27
CA THR B 238 -16.34 -4.40 0.01
C THR B 238 -16.61 -5.70 -0.78
N TYR B 239 -17.89 -5.98 -1.09
CA TYR B 239 -18.23 -7.14 -1.88
C TYR B 239 -17.85 -7.00 -3.38
N LYS B 240 -17.29 -5.88 -3.79
CA LYS B 240 -16.70 -5.76 -5.16
C LYS B 240 -15.23 -6.22 -5.23
N PHE B 241 -14.66 -6.52 -4.08
CA PHE B 241 -13.28 -7.03 -4.01
C PHE B 241 -13.24 -8.54 -4.31
N HIS B 242 -12.26 -8.93 -5.07
CA HIS B 242 -12.26 -10.23 -5.69
C HIS B 242 -11.28 -11.20 -4.98
N PRO B 243 -11.79 -12.15 -4.18
CA PRO B 243 -10.87 -12.92 -3.34
C PRO B 243 -9.96 -13.86 -4.14
N ALA B 244 -10.45 -14.51 -5.20
CA ALA B 244 -9.64 -15.44 -5.94
C ALA B 244 -8.34 -14.81 -6.53
N THR B 245 -8.32 -13.48 -6.72
CA THR B 245 -7.12 -12.82 -7.26
C THR B 245 -5.99 -12.85 -6.29
N MET B 246 -6.27 -13.01 -5.00
CA MET B 246 -5.20 -13.14 -3.98
C MET B 246 -4.28 -14.35 -4.27
N LEU B 247 -4.84 -15.38 -4.87
CA LEU B 247 -4.12 -16.56 -5.20
C LEU B 247 -3.88 -16.68 -6.67
N GLY B 248 -3.84 -15.53 -7.37
CA GLY B 248 -3.35 -15.49 -8.77
C GLY B 248 -4.37 -15.59 -9.88
N GLN B 249 -5.63 -15.86 -9.52
CA GLN B 249 -6.71 -15.92 -10.49
C GLN B 249 -6.82 -14.63 -11.31
N LEU B 250 -6.98 -14.80 -12.62
CA LEU B 250 -7.30 -13.72 -13.58
C LEU B 250 -8.76 -13.53 -13.65
N VAL B 251 -9.21 -12.29 -13.64
CA VAL B 251 -10.63 -12.01 -13.79
C VAL B 251 -11.03 -12.20 -15.25
N GLU B 252 -12.10 -12.93 -15.52
CA GLU B 252 -12.64 -13.15 -16.85
C GLU B 252 -13.40 -11.89 -17.32
N ILE B 253 -13.07 -11.39 -18.51
CA ILE B 253 -13.76 -10.30 -19.16
C ILE B 253 -14.84 -10.86 -20.08
N GLU B 254 -16.08 -10.57 -19.73
CA GLU B 254 -17.24 -10.98 -20.46
C GLU B 254 -17.25 -10.37 -21.85
N MET B 255 -17.48 -11.21 -22.83
CA MET B 255 -17.64 -10.83 -24.22
C MET B 255 -19.11 -11.04 -24.52
N ARG B 256 -19.83 -9.98 -24.84
CA ARG B 256 -21.25 -10.05 -25.08
C ARG B 256 -21.55 -10.04 -26.58
N ASP B 257 -22.81 -10.35 -26.88
CA ASP B 257 -23.27 -10.60 -28.22
C ASP B 257 -22.92 -9.45 -29.19
N PRO B 258 -22.39 -9.76 -30.37
CA PRO B 258 -22.14 -8.64 -31.34
C PRO B 258 -23.33 -7.75 -31.69
N THR B 259 -24.53 -8.30 -31.63
CA THR B 259 -25.72 -7.54 -31.97
C THR B 259 -26.07 -6.41 -30.99
N GLU B 260 -25.42 -6.31 -29.84
CA GLU B 260 -25.55 -5.10 -29.01
C GLU B 260 -24.80 -3.94 -29.65
N VAL B 261 -23.82 -4.23 -30.51
CA VAL B 261 -23.03 -3.19 -31.10
C VAL B 261 -23.70 -2.69 -32.40
N ILE B 262 -23.91 -3.64 -33.31
CA ILE B 262 -24.63 -3.44 -34.55
C ILE B 262 -25.95 -4.28 -34.49
N PRO B 263 -27.15 -3.67 -34.61
CA PRO B 263 -28.40 -4.47 -34.58
C PRO B 263 -28.46 -5.56 -35.66
N GLU B 264 -29.14 -6.64 -35.30
CA GLU B 264 -29.24 -7.91 -36.05
C GLU B 264 -29.52 -7.71 -37.58
N GLU B 265 -30.54 -6.91 -37.88
CA GLU B 265 -30.93 -6.50 -39.23
C GLU B 265 -29.75 -5.99 -40.06
N GLU B 266 -28.99 -5.02 -39.51
CA GLU B 266 -27.81 -4.48 -40.22
C GLU B 266 -26.68 -5.50 -40.31
N LEU B 267 -26.46 -6.24 -39.23
CA LEU B 267 -25.30 -7.09 -39.08
C LEU B 267 -25.34 -8.26 -40.02
N ARG B 268 -26.55 -8.77 -40.26
CA ARG B 268 -26.69 -9.89 -41.20
C ARG B 268 -26.41 -9.51 -42.65
N THR B 269 -26.52 -8.21 -42.99
CA THR B 269 -26.10 -7.68 -44.30
C THR B 269 -24.57 -7.51 -44.45
N TRP B 270 -23.80 -7.58 -43.36
CA TRP B 270 -22.35 -7.30 -43.41
C TRP B 270 -21.60 -8.53 -43.87
N PRO B 271 -20.45 -8.35 -44.57
CA PRO B 271 -19.70 -9.53 -45.00
C PRO B 271 -19.00 -10.23 -43.87
N LYS B 272 -18.65 -11.47 -44.10
CA LYS B 272 -18.13 -12.31 -43.06
C LYS B 272 -16.69 -11.95 -42.64
N ASN B 273 -15.93 -11.16 -43.41
CA ASN B 273 -14.57 -10.81 -42.99
C ASN B 273 -14.58 -9.58 -42.06
N ILE B 274 -15.75 -9.14 -41.61
CA ILE B 274 -15.89 -8.25 -40.46
C ILE B 274 -16.33 -9.06 -39.20
N GLU B 275 -15.54 -9.00 -38.12
CA GLU B 275 -15.91 -9.57 -36.82
C GLU B 275 -16.20 -8.42 -35.93
N VAL B 276 -17.30 -8.49 -35.16
CA VAL B 276 -17.59 -7.47 -34.16
C VAL B 276 -17.13 -8.01 -32.82
N TRP B 277 -16.33 -7.25 -32.09
CA TRP B 277 -15.87 -7.64 -30.73
C TRP B 277 -16.47 -6.74 -29.64
N ASN B 278 -17.06 -7.34 -28.62
CA ASN B 278 -17.88 -6.60 -27.66
C ASN B 278 -17.53 -6.94 -26.21
N PRO B 279 -16.34 -6.54 -25.78
CA PRO B 279 -15.98 -6.71 -24.38
C PRO B 279 -16.77 -5.79 -23.51
N ALA B 280 -17.31 -6.29 -22.41
CA ALA B 280 -18.21 -5.45 -21.61
C ALA B 280 -17.46 -4.72 -20.50
N PHE B 281 -16.21 -5.11 -20.26
CA PHE B 281 -15.36 -4.53 -19.15
C PHE B 281 -13.90 -4.33 -19.60
N ASP B 282 -13.18 -3.45 -18.91
CA ASP B 282 -11.77 -3.35 -19.01
C ASP B 282 -11.11 -3.20 -17.65
N VAL B 283 -9.79 -3.28 -17.65
CA VAL B 283 -8.94 -3.22 -16.45
C VAL B 283 -8.21 -1.90 -16.35
N THR B 284 -8.42 -1.17 -15.27
CA THR B 284 -7.75 0.05 -14.97
C THR B 284 -6.68 -0.24 -13.95
N PRO B 285 -5.42 0.03 -14.27
CA PRO B 285 -4.35 -0.28 -13.27
C PRO B 285 -4.36 0.70 -12.13
N PRO B 286 -3.87 0.30 -10.94
CA PRO B 286 -3.93 1.14 -9.74
C PRO B 286 -3.18 2.45 -9.83
N GLU B 287 -2.15 2.55 -10.68
CA GLU B 287 -1.48 3.86 -10.79
C GLU B 287 -2.43 4.98 -11.35
N TYR B 288 -3.57 4.61 -11.97
CA TYR B 288 -4.51 5.63 -12.48
C TYR B 288 -5.71 5.87 -11.54
N ILE B 289 -5.67 5.31 -10.35
CA ILE B 289 -6.78 5.49 -9.36
C ILE B 289 -6.19 6.19 -8.16
N ASP B 290 -6.75 7.31 -7.76
CA ASP B 290 -6.36 7.98 -6.50
C ASP B 290 -6.93 7.34 -5.21
N VAL B 291 -8.25 7.05 -5.17
CA VAL B 291 -8.86 6.39 -3.96
C VAL B 291 -10.01 5.51 -4.36
N ILE B 292 -10.21 4.49 -3.54
CA ILE B 292 -11.38 3.69 -3.59
C ILE B 292 -12.15 4.11 -2.30
N ILE B 293 -13.44 4.39 -2.46
CA ILE B 293 -14.33 4.81 -1.39
C ILE B 293 -15.17 3.57 -1.09
N THR B 294 -14.90 2.95 0.04
CA THR B 294 -15.70 1.82 0.50
C THR B 294 -16.56 2.29 1.69
N GLU B 295 -17.44 1.40 2.13
CA GLU B 295 -18.30 1.69 3.25
C GLU B 295 -17.46 1.70 4.49
N ARG B 296 -16.20 1.25 4.45
CA ARG B 296 -15.31 1.41 5.66
C ARG B 296 -14.36 2.57 5.58
N GLY B 297 -14.43 3.34 4.51
CA GLY B 297 -13.55 4.47 4.38
C GLY B 297 -12.83 4.49 3.05
N ILE B 298 -12.05 5.51 2.95
CA ILE B 298 -11.23 5.79 1.83
C ILE B 298 -9.92 5.04 1.97
N ILE B 299 -9.51 4.37 0.89
CA ILE B 299 -8.25 3.70 0.83
C ILE B 299 -7.51 4.04 -0.51
N PRO B 300 -6.18 4.01 -0.51
CA PRO B 300 -5.44 3.94 -1.78
C PRO B 300 -5.72 2.61 -2.38
N PRO B 301 -5.66 2.48 -3.70
CA PRO B 301 -6.04 1.15 -4.30
C PRO B 301 -5.14 -0.01 -3.90
N TYR B 302 -3.88 0.32 -3.59
CA TYR B 302 -2.93 -0.67 -3.06
C TYR B 302 -3.30 -1.30 -1.70
N ALA B 303 -4.34 -0.79 -1.04
CA ALA B 303 -4.87 -1.43 0.17
C ALA B 303 -6.02 -2.32 -0.09
N ALA B 304 -6.32 -2.57 -1.36
CA ALA B 304 -7.31 -3.55 -1.70
C ALA B 304 -6.97 -4.90 -1.07
N ILE B 305 -5.69 -5.23 -1.03
CA ILE B 305 -5.24 -6.52 -0.45
C ILE B 305 -5.63 -6.65 1.03
N ASP B 306 -5.63 -5.55 1.77
CA ASP B 306 -5.98 -5.53 3.19
C ASP B 306 -7.48 -5.81 3.41
N ILE B 307 -8.34 -5.25 2.57
CA ILE B 307 -9.78 -5.55 2.58
C ILE B 307 -9.95 -7.05 2.26
N LEU B 308 -9.29 -7.53 1.24
CA LEU B 308 -9.39 -8.96 0.93
C LEU B 308 -8.94 -9.91 2.05
N LYS B 309 -7.84 -9.56 2.73
CA LYS B 309 -7.22 -10.40 3.78
C LYS B 309 -8.15 -10.50 4.94
N GLU B 310 -8.54 -9.37 5.49
CA GLU B 310 -9.40 -9.34 6.66
C GLU B 310 -10.84 -9.86 6.41
N GLU B 311 -11.47 -9.63 5.25
CA GLU B 311 -12.84 -10.14 4.97
C GLU B 311 -12.96 -11.49 4.27
N PHE B 312 -12.06 -11.83 3.35
CA PHE B 312 -12.29 -12.97 2.48
C PHE B 312 -11.23 -14.07 2.54
N GLY B 313 -10.03 -13.72 3.00
CA GLY B 313 -8.89 -14.62 2.95
C GLY B 313 -9.20 -16.00 3.54
N TRP B 314 -9.93 -16.00 4.68
CA TRP B 314 -10.32 -17.20 5.44
C TRP B 314 -10.89 -18.31 4.54
N ALA B 315 -11.70 -17.92 3.52
CA ALA B 315 -12.46 -18.88 2.67
C ALA B 315 -11.69 -19.60 1.57
N LEU B 316 -10.44 -19.15 1.33
CA LEU B 316 -9.66 -19.60 0.17
C LEU B 316 -9.14 -21.06 0.26
N LYS B 317 -8.94 -21.55 1.48
CA LYS B 317 -8.58 -22.97 1.68
C LYS B 317 -9.77 -23.93 1.44
N TYR B 318 -11.02 -23.44 1.44
CA TYR B 318 -12.21 -24.24 1.16
C TYR B 318 -12.63 -24.14 -0.30
N LYS B 319 -13.33 -25.16 -0.78
CA LYS B 319 -14.03 -25.08 -2.06
C LYS B 319 -15.25 -24.11 -1.96
N GLU B 320 -15.87 -23.78 -3.10
CA GLU B 320 -17.09 -22.93 -3.13
C GLU B 320 -18.22 -23.58 -2.29
N PRO B 321 -18.92 -22.78 -1.45
CA PRO B 321 -19.94 -23.39 -0.61
C PRO B 321 -21.12 -23.99 -1.34
N TRP B 322 -21.20 -23.87 -2.66
CA TRP B 322 -22.27 -24.51 -3.42
C TRP B 322 -21.75 -25.74 -4.14
N GLU B 323 -20.46 -26.04 -4.04
CA GLU B 323 -19.88 -27.15 -4.83
C GLU B 323 -20.03 -28.49 -4.10
N ASP B 324 -20.16 -29.61 -4.82
CA ASP B 324 -20.40 -30.93 -4.17
C ASP B 324 -19.25 -31.47 -3.28
N ALA C 3 -16.94 29.89 31.22
CA ALA C 3 -15.77 29.24 31.89
C ALA C 3 -14.63 30.19 32.23
N MET C 4 -13.90 29.82 33.28
CA MET C 4 -12.74 30.58 33.79
C MET C 4 -11.46 29.96 33.18
N ILE C 5 -10.97 30.61 32.14
CA ILE C 5 -9.88 30.10 31.32
C ILE C 5 -8.70 30.89 31.74
N VAL C 6 -7.62 30.21 32.04
CA VAL C 6 -6.41 30.90 32.42
C VAL C 6 -5.74 31.63 31.27
N LYS C 7 -4.92 32.60 31.68
CA LYS C 7 -4.26 33.54 30.84
C LYS C 7 -3.41 32.78 29.83
N GLU C 8 -2.73 31.75 30.30
CA GLU C 8 -1.83 30.96 29.48
C GLU C 8 -2.45 30.25 28.26
N VAL C 9 -3.74 29.91 28.33
CA VAL C 9 -4.49 29.37 27.22
C VAL C 9 -4.64 30.45 26.15
N TYR C 10 -5.08 31.65 26.54
CA TYR C 10 -5.27 32.77 25.62
C TYR C 10 -3.98 33.19 24.95
N GLU C 11 -2.90 33.25 25.71
CA GLU C 11 -1.58 33.63 25.21
C GLU C 11 -1.03 32.55 24.26
N THR C 12 -1.17 31.28 24.62
CA THR C 12 -0.73 30.20 23.73
C THR C 12 -1.49 30.31 22.41
N ALA C 13 -2.78 30.47 22.49
CA ALA C 13 -3.59 30.54 21.30
C ALA C 13 -3.15 31.74 20.42
N GLU C 14 -2.83 32.87 21.04
CA GLU C 14 -2.44 34.07 20.30
C GLU C 14 -1.12 33.84 19.61
N LYS C 15 -0.22 33.20 20.31
CA LYS C 15 1.08 32.90 19.78
C LYS C 15 1.09 31.87 18.68
N ILE C 16 0.16 30.93 18.74
CA ILE C 16 -0.04 29.99 17.68
C ILE C 16 -0.56 30.75 16.45
N LYS C 17 -1.56 31.59 16.61
CA LYS C 17 -2.13 32.39 15.50
C LYS C 17 -1.14 33.31 14.80
N SER C 18 -0.33 34.04 15.57
CA SER C 18 0.65 34.96 14.99
C SER C 18 1.97 34.25 14.54
N MET C 19 2.11 32.96 14.83
CA MET C 19 3.28 32.15 14.45
C MET C 19 4.54 32.45 15.21
N GLU C 20 4.42 33.06 16.37
CA GLU C 20 5.54 33.10 17.31
C GLU C 20 5.83 31.70 17.87
N ILE C 21 4.79 30.85 17.96
CA ILE C 21 4.96 29.39 18.18
C ILE C 21 4.58 28.76 16.83
N ARG C 22 5.51 28.03 16.22
CA ARG C 22 5.25 27.48 14.88
C ARG C 22 5.96 26.18 14.70
N GLY C 23 5.63 25.51 13.61
CA GLY C 23 6.05 24.11 13.37
C GLY C 23 5.02 23.22 14.00
N ALA C 24 4.59 22.22 13.25
CA ALA C 24 3.49 21.35 13.69
C ALA C 24 3.70 20.58 15.04
N GLY C 25 4.84 19.94 15.22
CA GLY C 25 5.20 19.30 16.51
C GLY C 25 5.13 20.25 17.69
N ARG C 26 5.78 21.38 17.54
CA ARG C 26 5.85 22.36 18.57
C ARG C 26 4.48 22.99 18.97
N ILE C 27 3.66 23.29 17.96
CA ILE C 27 2.30 23.73 18.14
C ILE C 27 1.49 22.75 18.95
N ALA C 28 1.65 21.47 18.66
CA ALA C 28 0.96 20.45 19.36
C ALA C 28 1.36 20.37 20.85
N ARG C 29 2.66 20.39 21.10
CA ARG C 29 3.19 20.38 22.45
C ARG C 29 2.75 21.63 23.20
N ALA C 30 2.67 22.78 22.53
CA ALA C 30 2.25 24.01 23.17
C ALA C 30 0.74 23.92 23.54
N ALA C 31 -0.07 23.23 22.72
CA ALA C 31 -1.45 23.03 23.05
C ALA C 31 -1.59 22.11 24.27
N ALA C 32 -0.90 20.98 24.27
CA ALA C 32 -0.89 20.05 25.42
C ALA C 32 -0.49 20.78 26.69
N GLN C 33 0.57 21.55 26.59
CA GLN C 33 1.11 22.37 27.66
C GLN C 33 0.07 23.36 28.18
N ALA C 34 -0.65 24.05 27.28
CA ALA C 34 -1.69 24.95 27.66
C ALA C 34 -2.82 24.23 28.40
N LEU C 35 -3.26 23.05 27.95
CA LEU C 35 -4.25 22.29 28.69
C LEU C 35 -3.77 21.87 30.08
N MET C 36 -2.49 21.49 30.19
CA MET C 36 -1.87 21.10 31.43
C MET C 36 -2.00 22.23 32.46
N ILE C 37 -1.68 23.44 32.05
CA ILE C 37 -1.74 24.61 32.87
C ILE C 37 -3.16 25.05 33.23
N GLN C 38 -4.12 24.90 32.33
CA GLN C 38 -5.50 25.15 32.66
C GLN C 38 -5.92 24.25 33.83
N ALA C 39 -5.45 23.01 33.80
CA ALA C 39 -5.77 22.02 34.78
C ALA C 39 -5.04 22.35 36.11
N GLU C 40 -3.78 22.73 36.05
CA GLU C 40 -2.99 22.96 37.27
C GLU C 40 -3.63 24.08 38.06
N LYS C 41 -4.01 25.16 37.35
CA LYS C 41 -4.45 26.40 37.95
C LYS C 41 -5.93 26.59 38.10
N SER C 42 -6.74 25.61 37.70
CA SER C 42 -8.20 25.79 37.72
C SER C 42 -8.57 26.03 39.18
N LYS C 43 -9.48 26.95 39.42
CA LYS C 43 -10.05 27.15 40.73
C LYS C 43 -11.43 26.51 40.76
N ALA C 44 -11.70 25.59 39.83
CA ALA C 44 -12.93 24.77 39.87
C ALA C 44 -13.02 23.85 41.12
N LYS C 45 -14.26 23.62 41.56
CA LYS C 45 -14.55 22.91 42.82
C LYS C 45 -15.15 21.55 42.59
N GLU C 46 -15.87 21.41 41.49
CA GLU C 46 -16.46 20.16 41.10
C GLU C 46 -15.80 19.61 39.81
N PRO C 47 -15.78 18.29 39.62
CA PRO C 47 -15.36 17.72 38.31
C PRO C 47 -16.01 18.35 37.03
N GLU C 48 -17.27 18.72 37.12
CA GLU C 48 -18.00 19.26 35.98
C GLU C 48 -17.53 20.68 35.54
N GLU C 49 -16.96 21.45 36.46
CA GLU C 49 -16.49 22.82 36.21
C GLU C 49 -15.15 22.71 35.56
N LEU C 50 -14.28 21.82 36.04
CA LEU C 50 -12.98 21.60 35.36
C LEU C 50 -13.22 21.05 33.96
N TRP C 51 -14.08 20.04 33.86
CA TRP C 51 -14.40 19.44 32.56
C TRP C 51 -14.86 20.49 31.55
N ASN C 52 -15.78 21.34 31.96
CA ASN C 52 -16.25 22.44 31.11
C ASN C 52 -15.11 23.42 30.71
N GLU C 53 -14.21 23.72 31.65
CA GLU C 53 -13.06 24.54 31.37
C GLU C 53 -12.11 23.90 30.33
N LEU C 54 -11.89 22.59 30.44
CA LEU C 54 -11.00 21.89 29.54
C LEU C 54 -11.60 21.76 28.14
N LYS C 55 -12.91 21.53 28.06
CA LYS C 55 -13.58 21.59 26.77
C LYS C 55 -13.43 22.95 26.12
N VAL C 56 -13.63 24.01 26.90
CA VAL C 56 -13.63 25.38 26.36
C VAL C 56 -12.21 25.77 25.92
N ALA C 57 -11.23 25.48 26.75
CA ALA C 57 -9.82 25.65 26.42
C ALA C 57 -9.40 24.92 25.14
N SER C 58 -9.81 23.65 25.04
CA SER C 58 -9.60 22.86 23.83
C SER C 58 -10.15 23.57 22.59
N LYS C 59 -11.37 24.10 22.65
CA LYS C 59 -11.99 24.79 21.53
C LYS C 59 -11.21 26.05 21.17
N ILE C 60 -10.76 26.79 22.18
CA ILE C 60 -9.95 27.95 21.94
C ILE C 60 -8.68 27.57 21.14
N LEU C 61 -8.04 26.49 21.55
CA LEU C 61 -6.79 26.05 20.98
C LEU C 61 -6.98 25.47 19.57
N TYR C 62 -8.03 24.68 19.37
CA TYR C 62 -8.37 24.13 18.08
C TYR C 62 -8.64 25.17 16.98
N ASN C 63 -9.22 26.31 17.37
CA ASN C 63 -9.59 27.39 16.45
C ASN C 63 -8.47 28.36 16.07
N THR C 64 -7.22 28.04 16.36
CA THR C 64 -6.08 28.90 16.03
C THR C 64 -5.69 28.70 14.52
N ARG C 65 -5.05 27.58 14.19
CA ARG C 65 -4.59 27.26 12.83
C ARG C 65 -5.14 25.92 12.40
N PRO C 66 -5.74 25.85 11.19
CA PRO C 66 -6.50 24.64 10.86
C PRO C 66 -5.69 23.50 10.26
N THR C 67 -4.53 23.74 9.66
CA THR C 67 -4.01 22.76 8.71
C THR C 67 -3.20 21.63 9.34
N ALA C 68 -2.43 21.93 10.36
CA ALA C 68 -1.65 20.89 10.97
C ALA C 68 -2.52 20.07 11.97
N VAL C 69 -2.74 18.79 11.64
CA VAL C 69 -3.61 17.91 12.42
C VAL C 69 -2.95 17.52 13.74
N SER C 70 -1.66 17.79 13.88
CA SER C 70 -0.94 17.61 15.14
C SER C 70 -1.63 18.29 16.30
N LEU C 71 -2.14 19.51 16.08
CA LEU C 71 -2.81 20.30 17.11
C LEU C 71 -4.07 19.59 17.67
N PRO C 72 -5.05 19.29 16.81
CA PRO C 72 -6.15 18.47 17.34
C PRO C 72 -5.81 17.06 17.77
N ASN C 73 -4.78 16.42 17.20
CA ASN C 73 -4.42 15.10 17.70
C ASN C 73 -3.88 15.18 19.15
N ALA C 74 -3.17 16.26 19.48
CA ALA C 74 -2.72 16.46 20.85
C ALA C 74 -3.90 16.72 21.83
N LEU C 75 -4.83 17.59 21.46
CA LEU C 75 -5.98 17.89 22.26
C LEU C 75 -6.80 16.60 22.42
N ARG C 76 -6.89 15.73 21.41
CA ARG C 76 -7.60 14.49 21.53
C ARG C 76 -6.92 13.54 22.46
N TYR C 77 -5.60 13.47 22.35
CA TYR C 77 -4.83 12.57 23.15
C TYR C 77 -5.20 12.83 24.68
N VAL C 78 -5.17 14.11 25.05
CA VAL C 78 -5.56 14.60 26.40
C VAL C 78 -7.05 14.36 26.64
N MET C 79 -7.89 14.83 25.76
CA MET C 79 -9.27 14.95 26.07
C MET C 79 -10.05 13.69 26.02
N HIS C 80 -9.66 12.72 25.20
CA HIS C 80 -10.21 11.37 25.27
C HIS C 80 -10.07 10.76 26.66
N ARG C 81 -8.88 10.95 27.23
CA ARG C 81 -8.51 10.38 28.54
C ARG C 81 -9.22 11.08 29.71
N VAL C 82 -9.33 12.40 29.59
CA VAL C 82 -10.06 13.25 30.48
C VAL C 82 -11.53 12.90 30.38
N LYS C 83 -12.08 12.85 29.18
CA LYS C 83 -13.49 12.47 28.98
C LYS C 83 -13.84 11.11 29.63
N ALA C 84 -12.98 10.12 29.47
CA ALA C 84 -13.27 8.79 29.96
C ALA C 84 -13.24 8.78 31.49
N ALA C 85 -12.28 9.50 32.09
CA ALA C 85 -12.19 9.61 33.52
C ALA C 85 -13.45 10.34 34.04
N TYR C 86 -13.80 11.51 33.48
CA TYR C 86 -14.98 12.27 33.94
C TYR C 86 -16.25 11.42 33.89
N LEU C 87 -16.51 10.78 32.74
CA LEU C 87 -17.70 9.98 32.52
C LEU C 87 -17.68 8.68 33.38
N GLY C 88 -16.50 8.23 33.77
CA GLY C 88 -16.38 7.09 34.66
C GLY C 88 -16.57 7.48 36.11
N GLY C 89 -17.01 8.71 36.39
CA GLY C 89 -17.24 9.20 37.75
C GLY C 89 -16.04 9.75 38.50
N ALA C 90 -15.00 10.16 37.78
CA ALA C 90 -13.80 10.68 38.45
C ALA C 90 -14.13 11.88 39.35
N ASP C 91 -13.45 11.97 40.49
CA ASP C 91 -13.57 13.15 41.34
C ASP C 91 -12.67 14.26 40.80
N LEU C 92 -12.65 15.40 41.47
CA LEU C 92 -11.92 16.55 40.98
C LEU C 92 -10.41 16.30 40.81
N GLU C 93 -9.74 15.75 41.81
CA GLU C 93 -8.28 15.68 41.77
C GLU C 93 -7.79 14.58 40.79
N THR C 94 -8.62 13.55 40.68
CA THR C 94 -8.44 12.52 39.71
C THR C 94 -8.54 13.10 38.26
N LEU C 95 -9.56 13.89 38.01
CA LEU C 95 -9.79 14.48 36.68
C LEU C 95 -8.65 15.40 36.30
N ARG C 96 -8.23 16.24 37.25
CA ARG C 96 -7.12 17.17 37.11
C ARG C 96 -5.85 16.46 36.68
N PHE C 97 -5.57 15.36 37.36
CA PHE C 97 -4.35 14.67 37.18
C PHE C 97 -4.35 13.87 35.88
N THR C 98 -5.47 13.31 35.49
CA THR C 98 -5.62 12.70 34.21
C THR C 98 -5.23 13.69 33.08
N ALA C 99 -5.70 14.93 33.18
CA ALA C 99 -5.37 16.00 32.23
C ALA C 99 -3.89 16.36 32.25
N ILE C 100 -3.36 16.61 33.44
CA ILE C 100 -1.96 16.99 33.60
C ILE C 100 -1.04 15.85 33.09
N ASN C 101 -1.38 14.63 33.43
CA ASN C 101 -0.47 13.54 33.14
C ASN C 101 -0.53 13.16 31.65
N SER C 102 -1.73 13.15 31.07
CA SER C 102 -1.93 13.01 29.64
C SER C 102 -1.18 14.02 28.81
N ALA C 103 -1.18 15.27 29.23
CA ALA C 103 -0.45 16.32 28.55
C ALA C 103 1.04 16.00 28.58
N LYS C 104 1.56 15.81 29.78
CA LYS C 104 2.96 15.45 29.95
C LYS C 104 3.40 14.27 29.12
N GLU C 105 2.55 13.26 29.07
CA GLU C 105 2.80 12.02 28.33
C GLU C 105 2.90 12.31 26.78
N PHE C 106 2.00 13.18 26.27
CA PHE C 106 2.00 13.52 24.84
C PHE C 106 3.31 14.26 24.58
N ILE C 107 3.60 15.21 25.45
CA ILE C 107 4.79 16.01 25.32
C ILE C 107 6.05 15.15 25.31
N TYR C 108 6.14 14.19 26.24
CA TYR C 108 7.33 13.31 26.30
C TYR C 108 7.43 12.40 25.06
N ASN C 109 6.35 11.79 24.68
CA ASN C 109 6.34 10.92 23.50
C ASN C 109 6.68 11.66 22.19
N SER C 110 6.25 12.93 22.10
CA SER C 110 6.59 13.80 20.97
C SER C 110 8.10 13.99 20.87
N GLU C 111 8.75 14.41 21.97
CA GLU C 111 10.21 14.50 22.05
C GLU C 111 10.92 13.19 21.64
N LYS C 112 10.46 12.07 22.19
CA LYS C 112 11.07 10.81 21.93
C LYS C 112 10.84 10.37 20.45
N ALA C 113 9.67 10.69 19.89
CA ALA C 113 9.35 10.29 18.51
C ALA C 113 10.33 10.96 17.54
N ILE C 114 10.63 12.22 17.82
CA ILE C 114 11.50 13.04 16.98
C ILE C 114 12.94 12.58 17.02
N GLU C 115 13.41 12.21 18.21
CA GLU C 115 14.70 11.61 18.39
C GLU C 115 14.74 10.28 17.63
N ARG C 116 13.74 9.46 17.73
CA ARG C 116 13.76 8.15 17.00
C ARG C 116 13.70 8.27 15.41
N ILE C 117 12.97 9.28 14.94
CA ILE C 117 12.84 9.61 13.53
C ILE C 117 14.22 10.02 13.01
N GLY C 118 14.90 10.83 13.78
CA GLY C 118 16.32 11.08 13.62
C GLY C 118 17.20 9.87 13.39
N GLU C 119 17.13 8.92 14.29
CA GLU C 119 17.92 7.72 14.21
C GLU C 119 17.56 6.84 13.05
N ILE C 120 16.29 6.71 12.77
CA ILE C 120 15.83 5.85 11.66
C ILE C 120 16.21 6.49 10.31
N GLY C 121 15.95 7.80 10.18
CA GLY C 121 16.16 8.55 8.95
C GLY C 121 17.64 8.71 8.60
N ALA C 122 18.49 8.85 9.61
CA ALA C 122 19.91 8.97 9.40
C ALA C 122 20.55 7.79 8.75
N LYS C 123 19.98 6.59 8.92
CA LYS C 123 20.49 5.42 8.22
C LYS C 123 20.36 5.42 6.72
N ARG C 124 19.47 6.27 6.21
CA ARG C 124 19.26 6.45 4.81
C ARG C 124 20.16 7.50 4.26
N ILE C 125 20.86 8.26 5.07
CA ILE C 125 21.73 9.33 4.60
C ILE C 125 23.09 8.70 4.49
N GLU C 126 23.79 9.00 3.41
CA GLU C 126 25.08 8.35 3.09
C GLU C 126 26.18 9.39 3.08
N ASP C 127 27.41 8.96 3.41
CA ASP C 127 28.57 9.90 3.43
C ASP C 127 28.65 10.64 2.08
N GLY C 128 28.87 11.92 2.12
CA GLY C 128 28.98 12.74 0.89
C GLY C 128 27.67 13.36 0.36
N ASP C 129 26.53 12.94 0.91
CA ASP C 129 25.20 13.36 0.44
C ASP C 129 24.97 14.85 0.51
N ILE C 130 24.36 15.36 -0.57
CA ILE C 130 23.83 16.69 -0.60
C ILE C 130 22.33 16.47 -0.38
N ILE C 131 21.77 17.16 0.62
CA ILE C 131 20.40 16.96 0.99
C ILE C 131 19.71 18.27 0.77
N MET C 132 18.55 18.27 0.11
CA MET C 132 17.78 19.51 0.02
C MET C 132 16.62 19.43 1.01
N THR C 133 16.26 20.54 1.62
CA THR C 133 15.13 20.62 2.53
C THR C 133 14.32 21.89 2.26
N HIS C 134 13.22 22.03 2.99
CA HIS C 134 12.28 23.15 2.80
C HIS C 134 11.65 23.47 4.14
N CYS C 135 11.32 24.73 4.34
CA CYS C 135 10.76 25.22 5.58
C CYS C 135 11.74 24.91 6.74
N HIS C 136 11.17 24.76 7.93
CA HIS C 136 11.90 24.33 9.10
C HIS C 136 11.07 23.32 9.84
N SER C 137 11.58 22.08 9.81
CA SER C 137 10.94 20.94 10.38
C SER C 137 11.91 20.36 11.33
N LYS C 138 11.50 20.27 12.61
CA LYS C 138 12.32 19.58 13.63
C LYS C 138 12.48 18.13 13.33
N ALA C 139 11.51 17.46 12.77
CA ALA C 139 11.72 16.03 12.42
C ALA C 139 12.77 15.85 11.32
N ALA C 140 12.69 16.68 10.27
CA ALA C 140 13.69 16.63 9.19
C ALA C 140 15.13 16.98 9.70
N ILE C 141 15.22 18.07 10.46
CA ILE C 141 16.45 18.49 11.10
C ILE C 141 17.06 17.39 11.99
N SER C 142 16.21 16.67 12.74
CA SER C 142 16.65 15.57 13.59
C SER C 142 17.42 14.55 12.76
N VAL C 143 16.94 14.31 11.55
CA VAL C 143 17.57 13.34 10.62
C VAL C 143 18.93 13.82 10.17
N MET C 144 19.01 15.07 9.77
CA MET C 144 20.24 15.65 9.25
C MET C 144 21.27 15.80 10.37
N LYS C 145 20.84 16.23 11.55
CA LYS C 145 21.75 16.35 12.73
C LYS C 145 22.37 15.00 13.12
N LYS C 146 21.52 14.01 13.21
CA LYS C 146 22.00 12.68 13.54
C LYS C 146 22.99 12.13 12.52
N ALA C 147 22.71 12.26 11.21
CA ALA C 147 23.63 11.75 10.20
C ALA C 147 25.01 12.48 10.32
N PHE C 148 25.00 13.79 10.55
CA PHE C 148 26.23 14.54 10.78
C PHE C 148 26.98 14.06 12.07
N GLU C 149 26.24 13.75 13.12
CA GLU C 149 26.83 13.22 14.36
C GLU C 149 27.44 11.87 14.13
N GLN C 150 26.93 11.11 13.18
CA GLN C 150 27.54 9.84 12.86
C GLN C 150 28.83 9.94 12.04
N GLY C 151 29.28 11.13 11.72
CA GLY C 151 30.52 11.29 10.96
C GLY C 151 30.35 11.45 9.45
N LYS C 152 29.12 11.40 8.95
CA LYS C 152 28.86 11.52 7.52
C LYS C 152 29.07 12.97 7.08
N ASN C 153 29.84 13.19 6.02
CA ASN C 153 30.07 14.58 5.57
C ASN C 153 28.96 14.90 4.58
N ILE C 154 27.99 15.67 5.04
CA ILE C 154 26.82 16.07 4.26
C ILE C 154 26.86 17.57 4.08
N LYS C 155 26.11 18.04 3.11
CA LYS C 155 25.76 19.45 3.05
C LYS C 155 24.29 19.55 2.86
N VAL C 156 23.71 20.64 3.31
CA VAL C 156 22.29 20.81 3.18
C VAL C 156 22.02 22.05 2.38
N ILE C 157 21.23 21.85 1.32
CA ILE C 157 20.60 22.92 0.61
C ILE C 157 19.27 23.30 1.29
N VAL C 158 19.22 24.54 1.76
CA VAL C 158 18.12 25.12 2.45
C VAL C 158 17.44 26.13 1.59
N THR C 159 16.16 25.92 1.35
CA THR C 159 15.38 26.89 0.58
C THR C 159 14.82 27.94 1.51
N GLU C 160 14.73 29.16 1.03
CA GLU C 160 14.40 30.23 1.93
C GLU C 160 12.99 30.19 2.53
N THR C 161 12.05 29.58 1.80
CA THR C 161 10.68 29.42 2.21
C THR C 161 9.92 30.72 2.45
N ARG C 162 9.65 31.43 1.35
CA ARG C 162 8.73 32.52 1.36
C ARG C 162 7.31 32.02 1.76
N PRO C 163 6.45 32.88 2.33
CA PRO C 163 6.72 34.31 2.64
C PRO C 163 7.35 34.61 4.02
N LYS C 164 7.36 33.62 4.91
CA LYS C 164 7.73 33.84 6.31
C LYS C 164 9.19 33.54 6.59
N TRP C 165 9.96 33.10 5.59
CA TRP C 165 11.41 32.96 5.75
C TRP C 165 11.83 31.90 6.74
N GLN C 166 11.09 30.83 6.86
CA GLN C 166 11.46 29.74 7.77
C GLN C 166 12.81 29.16 7.49
N GLY C 167 13.23 29.24 6.22
CA GLY C 167 14.53 28.74 5.85
C GLY C 167 15.70 29.42 6.54
N LYS C 168 15.51 30.65 6.97
CA LYS C 168 16.57 31.30 7.74
C LYS C 168 16.76 30.61 9.06
N ILE C 169 15.69 30.08 9.66
CA ILE C 169 15.74 29.43 10.97
C ILE C 169 16.55 28.15 10.79
N THR C 170 16.21 27.40 9.74
CA THR C 170 16.87 26.17 9.41
C THR C 170 18.36 26.34 9.08
N ALA C 171 18.68 27.35 8.29
CA ALA C 171 20.07 27.56 7.91
C ALA C 171 20.94 27.88 9.12
N LYS C 172 20.41 28.72 10.01
CA LYS C 172 21.15 29.10 11.23
C LYS C 172 21.28 27.92 12.16
N GLU C 173 20.20 27.15 12.32
CA GLU C 173 20.24 26.01 13.23
C GLU C 173 21.20 24.97 12.73
N LEU C 174 21.10 24.59 11.45
CA LEU C 174 22.01 23.52 10.92
C LEU C 174 23.52 23.98 10.97
N ALA C 175 23.80 25.21 10.57
CA ALA C 175 25.15 25.78 10.70
C ALA C 175 25.66 25.80 12.16
N SER C 176 24.79 25.99 13.13
CA SER C 176 25.18 25.94 14.53
C SER C 176 25.61 24.53 14.94
N TYR C 177 25.10 23.47 14.30
CA TYR C 177 25.60 22.13 14.63
C TYR C 177 26.88 21.80 13.88
N GLY C 178 27.44 22.73 13.11
CA GLY C 178 28.59 22.41 12.27
C GLY C 178 28.31 21.87 10.87
N ILE C 179 27.03 21.84 10.44
CA ILE C 179 26.68 21.32 9.10
C ILE C 179 26.85 22.44 8.09
N PRO C 180 27.61 22.21 7.01
CA PRO C 180 27.72 23.20 5.93
C PRO C 180 26.35 23.37 5.24
N VAL C 181 25.94 24.62 5.03
CA VAL C 181 24.67 24.97 4.42
C VAL C 181 24.90 25.80 3.14
N ILE C 182 24.10 25.47 2.13
CA ILE C 182 23.93 26.27 0.92
C ILE C 182 22.53 26.77 0.97
N TYR C 183 22.33 28.09 0.93
CA TYR C 183 21.03 28.73 1.03
C TYR C 183 20.62 29.30 -0.32
N ILE C 184 19.39 29.01 -0.76
CA ILE C 184 18.89 29.37 -2.08
C ILE C 184 17.48 29.86 -2.00
N VAL C 185 17.08 30.64 -3.00
CA VAL C 185 15.65 30.92 -3.13
C VAL C 185 14.88 29.67 -3.57
N ASP C 186 13.59 29.63 -3.26
CA ASP C 186 12.71 28.47 -3.58
C ASP C 186 12.72 28.10 -5.10
N SER C 187 12.58 29.16 -5.90
CA SER C 187 12.68 29.11 -7.38
C SER C 187 13.89 28.39 -7.94
N ALA C 188 14.99 28.31 -7.17
CA ALA C 188 16.21 27.65 -7.64
C ALA C 188 16.26 26.14 -7.38
N ALA C 189 15.18 25.60 -6.82
CA ALA C 189 15.16 24.16 -6.46
C ALA C 189 15.36 23.21 -7.65
N ARG C 190 14.77 23.48 -8.83
CA ARG C 190 15.00 22.60 -10.00
C ARG C 190 16.48 22.69 -10.47
N HIS C 191 16.97 23.91 -10.57
CA HIS C 191 18.34 24.19 -10.97
C HIS C 191 19.39 23.36 -10.14
N TYR C 192 19.15 23.16 -8.85
CA TYR C 192 20.09 22.47 -7.98
C TYR C 192 19.69 21.04 -7.69
N MET C 193 18.70 20.54 -8.39
CA MET C 193 18.19 19.22 -8.08
C MET C 193 19.14 18.20 -8.66
N LYS C 194 19.86 18.55 -9.75
CA LYS C 194 20.84 17.64 -10.32
C LYS C 194 21.96 17.28 -9.34
N MET C 195 22.41 18.23 -8.57
CA MET C 195 23.45 17.97 -7.57
C MET C 195 22.97 17.40 -6.23
N THR C 196 21.66 17.39 -6.01
CA THR C 196 21.03 16.85 -4.78
C THR C 196 20.94 15.35 -4.80
N ASP C 197 21.31 14.70 -3.72
CA ASP C 197 21.14 13.25 -3.57
C ASP C 197 19.85 12.84 -2.89
N LYS C 198 19.35 13.67 -1.94
CA LYS C 198 18.16 13.32 -1.19
C LYS C 198 17.39 14.56 -0.83
N VAL C 199 16.08 14.42 -0.74
CA VAL C 199 15.24 15.50 -0.26
C VAL C 199 14.61 15.04 1.07
N VAL C 200 14.73 15.85 2.11
CA VAL C 200 14.18 15.49 3.45
C VAL C 200 13.37 16.66 3.95
N MET C 201 12.06 16.42 4.09
CA MET C 201 11.12 17.41 4.52
C MET C 201 10.23 16.88 5.62
N GLY C 202 9.54 17.82 6.27
CA GLY C 202 8.56 17.51 7.32
C GLY C 202 7.13 17.38 6.79
N ALA C 203 6.18 17.36 7.73
CA ALA C 203 4.78 17.30 7.40
C ALA C 203 3.90 17.98 8.45
N ASP C 204 2.82 18.60 7.98
CA ASP C 204 1.76 19.09 8.89
C ASP C 204 0.59 18.13 9.04
N SER C 205 0.15 17.51 7.96
CA SER C 205 -0.90 16.48 7.96
C SER C 205 -0.56 15.48 6.88
N ILE C 206 -0.82 14.22 7.16
CA ILE C 206 -0.70 13.16 6.16
C ILE C 206 -2.06 12.49 6.11
N THR C 207 -2.55 12.29 4.91
CA THR C 207 -3.89 11.81 4.69
C THR C 207 -3.93 10.27 4.48
N ALA C 208 -5.13 9.74 4.55
CA ALA C 208 -5.41 8.32 4.35
C ALA C 208 -4.88 7.71 3.05
N ASN C 209 -4.84 8.48 1.99
CA ASN C 209 -4.37 7.94 0.75
C ASN C 209 -2.90 8.24 0.50
N GLY C 210 -2.20 8.79 1.46
CA GLY C 210 -0.76 8.98 1.36
C GLY C 210 -0.25 10.36 1.01
N ALA C 211 -1.14 11.32 0.81
CA ALA C 211 -0.80 12.67 0.48
C ALA C 211 -0.23 13.36 1.72
N VAL C 212 0.75 14.23 1.46
CA VAL C 212 1.42 15.00 2.48
C VAL C 212 1.10 16.49 2.33
N ILE C 213 0.62 17.09 3.39
CA ILE C 213 0.31 18.51 3.40
C ILE C 213 1.45 19.11 4.19
N ASN C 214 2.10 20.06 3.57
CA ASN C 214 3.30 20.67 4.16
C ASN C 214 3.44 22.09 3.57
N LYS C 215 4.34 22.88 4.13
CA LYS C 215 4.57 24.28 3.73
C LYS C 215 4.52 24.47 2.23
N ILE C 216 3.78 25.52 1.82
CA ILE C 216 3.71 26.01 0.43
C ILE C 216 5.07 25.85 -0.26
N GLY C 217 5.07 25.06 -1.33
CA GLY C 217 6.27 24.80 -2.15
C GLY C 217 6.82 23.40 -2.08
N THR C 218 6.45 22.66 -1.03
CA THR C 218 6.89 21.30 -0.86
C THR C 218 6.61 20.47 -2.06
N SER C 219 5.41 20.61 -2.57
CA SER C 219 4.98 19.82 -3.72
C SER C 219 5.76 20.07 -4.99
N LEU C 220 6.22 21.30 -5.20
CA LEU C 220 7.09 21.60 -6.34
C LEU C 220 8.44 20.93 -6.20
N ILE C 221 8.99 20.99 -5.00
CA ILE C 221 10.24 20.35 -4.69
C ILE C 221 10.14 18.88 -4.91
N ALA C 222 9.05 18.28 -4.44
CA ALA C 222 8.85 16.86 -4.65
C ALA C 222 8.70 16.45 -6.11
N LEU C 223 7.94 17.21 -6.87
CA LEU C 223 7.71 16.98 -8.29
C LEU C 223 9.05 16.93 -9.07
N THR C 224 9.91 17.92 -8.85
CA THR C 224 11.19 17.97 -9.60
C THR C 224 12.19 16.96 -9.04
N ALA C 225 12.05 16.61 -7.76
CA ALA C 225 12.79 15.49 -7.22
C ALA C 225 12.46 14.18 -7.91
N LYS C 226 11.18 13.91 -8.05
CA LYS C 226 10.76 12.73 -8.75
C LYS C 226 11.22 12.80 -10.18
N GLU C 227 11.01 13.93 -10.82
CA GLU C 227 11.55 14.16 -12.16
C GLU C 227 13.01 13.71 -12.31
N HIS C 228 13.83 14.01 -11.30
CA HIS C 228 15.26 13.73 -11.34
C HIS C 228 15.66 12.44 -10.62
N ARG C 229 14.67 11.63 -10.23
CA ARG C 229 14.93 10.42 -9.46
C ARG C 229 15.74 10.62 -8.18
N VAL C 230 15.46 11.69 -7.48
CA VAL C 230 16.05 12.03 -6.21
C VAL C 230 15.04 11.56 -5.17
N TRP C 231 15.50 10.78 -4.22
CA TRP C 231 14.67 10.26 -3.09
C TRP C 231 13.96 11.36 -2.33
N VAL C 232 12.66 11.23 -2.15
CA VAL C 232 11.90 12.18 -1.31
C VAL C 232 11.45 11.44 -0.06
N MET C 233 11.99 11.90 1.04
CA MET C 233 11.72 11.38 2.38
C MET C 233 11.03 12.41 3.24
N ILE C 234 9.93 11.98 3.82
CA ILE C 234 9.15 12.83 4.63
C ILE C 234 9.34 12.29 6.10
N ALA C 235 9.82 13.15 6.96
CA ALA C 235 10.01 12.87 8.40
C ALA C 235 8.82 13.34 9.22
N ALA C 236 8.04 12.39 9.73
CA ALA C 236 6.74 12.71 10.35
C ALA C 236 6.33 11.77 11.49
N GLU C 237 6.03 12.37 12.65
CA GLU C 237 5.48 11.65 13.79
C GLU C 237 4.09 11.10 13.47
N THR C 238 3.72 9.98 14.13
CA THR C 238 2.39 9.39 13.99
C THR C 238 1.20 10.38 14.18
N TYR C 239 1.36 11.40 15.03
CA TYR C 239 0.35 12.39 15.25
C TYR C 239 0.27 13.43 14.12
N LYS C 240 1.03 13.26 13.03
CA LYS C 240 0.83 14.04 11.83
C LYS C 240 -0.16 13.38 10.85
N PHE C 241 -0.58 12.16 11.13
CA PHE C 241 -1.55 11.47 10.32
C PHE C 241 -2.98 11.92 10.70
N HIS C 242 -3.84 12.04 9.69
CA HIS C 242 -5.04 12.81 9.79
C HIS C 242 -6.27 11.88 9.78
N PRO C 243 -6.84 11.59 11.01
CA PRO C 243 -7.91 10.54 11.09
C PRO C 243 -9.15 10.87 10.29
N ALA C 244 -9.56 12.13 10.27
CA ALA C 244 -10.79 12.46 9.60
C ALA C 244 -10.75 12.15 8.04
N THR C 245 -9.56 12.07 7.43
CA THR C 245 -9.46 11.82 5.98
C THR C 245 -9.87 10.39 5.62
N MET C 246 -9.81 9.47 6.58
CA MET C 246 -10.28 8.09 6.41
C MET C 246 -11.78 8.07 6.09
N LEU C 247 -12.55 9.09 6.54
CA LEU C 247 -13.97 9.13 6.28
C LEU C 247 -14.32 10.25 5.32
N GLY C 248 -13.34 10.66 4.49
CA GLY C 248 -13.56 11.57 3.39
C GLY C 248 -13.24 13.02 3.66
N GLN C 249 -12.89 13.39 4.89
CA GLN C 249 -12.69 14.81 5.20
C GLN C 249 -11.60 15.36 4.26
N LEU C 250 -11.79 16.56 3.74
CA LEU C 250 -10.70 17.30 3.06
C LEU C 250 -9.91 18.12 4.08
N VAL C 251 -8.63 18.28 3.87
CA VAL C 251 -7.84 19.09 4.78
C VAL C 251 -7.99 20.53 4.29
N GLU C 252 -8.34 21.43 5.18
CA GLU C 252 -8.36 22.84 4.89
C GLU C 252 -6.93 23.40 4.78
N ILE C 253 -6.65 24.06 3.67
CA ILE C 253 -5.42 24.85 3.49
C ILE C 253 -5.54 26.24 4.16
N GLU C 254 -4.78 26.52 5.22
CA GLU C 254 -4.85 27.86 5.77
C GLU C 254 -4.39 28.96 4.77
N MET C 255 -5.20 30.03 4.64
CA MET C 255 -4.86 31.26 3.89
C MET C 255 -4.53 32.35 4.94
N ARG C 256 -3.31 32.87 4.89
CA ARG C 256 -2.83 33.81 5.88
C ARG C 256 -2.80 35.20 5.28
N ASP C 257 -2.56 36.15 6.17
CA ASP C 257 -2.70 37.56 5.84
C ASP C 257 -1.82 38.00 4.66
N PRO C 258 -2.41 38.71 3.67
CA PRO C 258 -1.54 39.19 2.56
C PRO C 258 -0.28 40.01 2.98
N THR C 259 -0.33 40.70 4.10
CA THR C 259 0.82 41.49 4.56
C THR C 259 2.01 40.67 4.98
N GLU C 260 1.89 39.37 5.07
CA GLU C 260 3.12 38.54 5.20
C GLU C 260 3.90 38.49 3.88
N VAL C 261 3.22 38.69 2.76
CA VAL C 261 3.83 38.66 1.46
C VAL C 261 4.34 40.10 1.15
N ILE C 262 3.45 41.06 1.22
CA ILE C 262 3.75 42.43 0.89
C ILE C 262 3.46 43.23 2.14
N PRO C 263 4.49 43.80 2.82
CA PRO C 263 4.30 44.58 4.06
C PRO C 263 3.22 45.69 3.91
N GLU C 264 2.43 45.91 4.97
CA GLU C 264 1.33 46.90 4.99
C GLU C 264 1.69 48.28 4.42
N GLU C 265 2.86 48.79 4.81
CA GLU C 265 3.41 50.03 4.25
C GLU C 265 3.38 50.08 2.73
N GLU C 266 3.87 49.01 2.11
CA GLU C 266 3.88 48.89 0.65
C GLU C 266 2.50 48.52 0.14
N LEU C 267 1.86 47.56 0.77
CA LEU C 267 0.57 47.07 0.21
C LEU C 267 -0.53 48.11 0.14
N ARG C 268 -0.60 49.02 1.11
CA ARG C 268 -1.70 50.01 1.07
C ARG C 268 -1.55 50.98 -0.10
N THR C 269 -0.34 51.15 -0.63
CA THR C 269 -0.15 51.96 -1.83
C THR C 269 -0.60 51.27 -3.15
N TRP C 270 -0.86 49.96 -3.12
CA TRP C 270 -1.16 49.23 -4.34
C TRP C 270 -2.60 49.41 -4.69
N PRO C 271 -2.91 49.32 -6.00
CA PRO C 271 -4.28 49.45 -6.46
C PRO C 271 -5.18 48.28 -6.04
N LYS C 272 -6.47 48.57 -6.01
CA LYS C 272 -7.47 47.60 -5.61
C LYS C 272 -7.50 46.37 -6.47
N ASN C 273 -7.23 46.50 -7.77
CA ASN C 273 -7.37 45.36 -8.68
C ASN C 273 -6.18 44.36 -8.61
N ILE C 274 -5.24 44.54 -7.66
CA ILE C 274 -4.30 43.49 -7.27
C ILE C 274 -4.77 42.78 -5.97
N GLU C 275 -5.04 41.49 -6.02
CA GLU C 275 -5.25 40.68 -4.80
C GLU C 275 -4.00 39.83 -4.51
N VAL C 276 -3.54 39.80 -3.28
CA VAL C 276 -2.46 38.93 -2.84
C VAL C 276 -3.06 37.67 -2.17
N TRP C 277 -2.71 36.47 -2.67
CA TRP C 277 -3.16 35.20 -2.08
C TRP C 277 -1.99 34.53 -1.42
N ASN C 278 -2.19 34.12 -0.17
CA ASN C 278 -1.14 33.63 0.66
C ASN C 278 -1.49 32.28 1.35
N PRO C 279 -1.47 31.17 0.57
CA PRO C 279 -1.65 29.82 1.08
C PRO C 279 -0.41 29.38 1.75
N ALA C 280 -0.57 28.83 2.96
CA ALA C 280 0.55 28.50 3.77
C ALA C 280 0.96 27.05 3.56
N PHE C 281 0.14 26.26 2.87
CA PHE C 281 0.45 24.85 2.64
C PHE C 281 0.06 24.41 1.26
N ASP C 282 0.64 23.34 0.80
CA ASP C 282 0.19 22.68 -0.41
C ASP C 282 0.15 21.19 -0.22
N VAL C 283 -0.44 20.49 -1.20
CA VAL C 283 -0.66 19.07 -1.14
C VAL C 283 0.31 18.40 -2.09
N THR C 284 1.11 17.44 -1.60
CA THR C 284 2.04 16.61 -2.41
C THR C 284 1.44 15.21 -2.53
N PRO C 285 1.17 14.77 -3.75
CA PRO C 285 0.61 13.46 -3.89
C PRO C 285 1.64 12.35 -3.61
N PRO C 286 1.13 11.18 -3.22
CA PRO C 286 1.98 10.13 -2.78
C PRO C 286 2.89 9.58 -3.82
N GLU C 287 2.49 9.68 -5.08
CA GLU C 287 3.39 9.23 -6.18
C GLU C 287 4.70 9.98 -6.17
N TYR C 288 4.82 11.18 -5.58
CA TYR C 288 6.09 11.84 -5.50
C TYR C 288 6.79 11.67 -4.16
N ILE C 289 6.38 10.73 -3.35
CA ILE C 289 7.06 10.55 -2.06
C ILE C 289 7.55 9.13 -2.06
N ASP C 290 8.79 8.94 -1.70
CA ASP C 290 9.36 7.55 -1.64
C ASP C 290 9.11 6.90 -0.30
N VAL C 291 9.38 7.59 0.81
CA VAL C 291 9.10 7.06 2.15
C VAL C 291 8.63 8.13 3.14
N ILE C 292 7.85 7.66 4.12
CA ILE C 292 7.60 8.41 5.36
C ILE C 292 8.39 7.70 6.48
N ILE C 293 9.18 8.49 7.19
CA ILE C 293 9.88 8.06 8.36
C ILE C 293 9.10 8.52 9.61
N THR C 294 8.50 7.53 10.27
CA THR C 294 7.82 7.67 11.55
C THR C 294 8.69 7.04 12.62
N GLU C 295 8.30 7.32 13.85
CA GLU C 295 8.94 6.74 15.05
C GLU C 295 8.72 5.23 15.12
N ARG C 296 7.87 4.66 14.27
CA ARG C 296 7.79 3.19 14.24
C ARG C 296 8.39 2.56 12.99
N GLY C 297 9.02 3.33 12.13
CA GLY C 297 9.58 2.77 10.92
C GLY C 297 9.34 3.59 9.69
N ILE C 298 9.87 3.02 8.63
CA ILE C 298 9.83 3.52 7.31
C ILE C 298 8.62 2.89 6.74
N ILE C 299 7.79 3.68 6.07
CA ILE C 299 6.68 3.09 5.30
C ILE C 299 6.66 3.75 3.91
N PRO C 300 6.12 3.09 2.91
CA PRO C 300 5.65 3.80 1.73
C PRO C 300 4.47 4.70 2.08
N PRO C 301 4.27 5.79 1.32
CA PRO C 301 3.16 6.67 1.64
C PRO C 301 1.76 6.00 1.59
N TYR C 302 1.62 4.95 0.80
CA TYR C 302 0.39 4.22 0.71
C TYR C 302 0.07 3.38 1.94
N ALA C 303 0.97 3.33 2.93
CA ALA C 303 0.69 2.64 4.20
C ALA C 303 0.24 3.62 5.25
N ALA C 304 0.06 4.90 4.90
CA ALA C 304 -0.46 5.83 5.86
C ALA C 304 -1.80 5.34 6.48
N ILE C 305 -2.59 4.71 5.64
CA ILE C 305 -3.90 4.20 6.01
C ILE C 305 -3.80 3.22 7.19
N ASP C 306 -2.72 2.43 7.21
CA ASP C 306 -2.42 1.44 8.29
C ASP C 306 -2.01 2.14 9.59
N ILE C 307 -1.19 3.17 9.53
CA ILE C 307 -0.94 3.97 10.72
C ILE C 307 -2.29 4.46 11.29
N LEU C 308 -3.13 5.00 10.42
CA LEU C 308 -4.42 5.55 10.85
C LEU C 308 -5.39 4.54 11.43
N LYS C 309 -5.48 3.37 10.81
CA LYS C 309 -6.38 2.30 11.24
C LYS C 309 -5.93 1.74 12.58
N GLU C 310 -4.63 1.57 12.75
CA GLU C 310 -4.05 1.12 14.00
C GLU C 310 -4.26 2.10 15.14
N GLU C 311 -3.92 3.38 14.90
CA GLU C 311 -3.80 4.33 15.97
C GLU C 311 -5.05 5.14 16.22
N PHE C 312 -5.87 5.38 15.22
CA PHE C 312 -6.95 6.41 15.35
C PHE C 312 -8.37 6.02 14.92
N GLY C 313 -8.51 4.89 14.22
CA GLY C 313 -9.79 4.44 13.62
C GLY C 313 -10.86 4.31 14.70
N TRP C 314 -10.51 3.58 15.75
CA TRP C 314 -11.33 3.48 16.98
C TRP C 314 -12.19 4.75 17.38
N ALA C 315 -11.59 5.93 17.30
CA ALA C 315 -12.18 7.19 17.77
C ALA C 315 -13.21 7.83 16.81
N LEU C 316 -13.21 7.36 15.56
CA LEU C 316 -14.04 7.97 14.50
C LEU C 316 -15.55 7.79 14.65
N LYS C 317 -15.99 6.67 15.23
CA LYS C 317 -17.42 6.51 15.63
C LYS C 317 -17.94 7.58 16.62
N TYR C 318 -17.06 8.11 17.49
CA TYR C 318 -17.41 9.13 18.53
C TYR C 318 -17.25 10.60 18.10
N LYS C 319 -17.98 11.49 18.75
CA LYS C 319 -17.76 12.95 18.55
C LYS C 319 -16.39 13.40 19.09
N GLU C 320 -15.96 14.61 18.73
CA GLU C 320 -14.69 15.11 19.28
C GLU C 320 -14.83 15.07 20.79
N PRO C 321 -13.78 14.67 21.51
CA PRO C 321 -13.86 14.59 22.95
C PRO C 321 -14.09 15.91 23.69
N TRP C 322 -13.87 17.04 23.06
CA TRP C 322 -14.24 18.33 23.66
C TRP C 322 -15.63 18.87 23.23
N GLU C 323 -16.42 18.12 22.48
CA GLU C 323 -17.74 18.68 22.06
C GLU C 323 -18.85 18.28 23.03
N ASP C 324 -19.95 19.05 23.00
CA ASP C 324 -21.10 18.94 23.91
C ASP C 324 -22.23 18.17 23.23
#